data_5TNG
#
_entry.id   5TNG
#
_cell.length_a   169.09
_cell.length_b   83.522
_cell.length_c   89.915
_cell.angle_alpha   90.00
_cell.angle_beta   100.17
_cell.angle_gamma   90.00
#
_symmetry.space_group_name_H-M   'C 1 2 1'
#
loop_
_entity.id
_entity.type
_entity.pdbx_description
1 polymer 'CFTR inhibitory factor'
2 non-polymer '(5Z,8Z,11Z,14R,15R,17Z)-14,15-dihydroxyicosa-5,8,11,17-tetraenoic acid'
3 water water
#
_entity_poly.entity_id   1
_entity_poly.type   'polypeptide(L)'
_entity_poly.pdbx_seq_one_letter_code
;AEEFPVPNGFESAYREVDGVKLHYVKGGQGPLVMLVHGFGQTWYEWHQLMPELAKRFTVIAPDLPGLGQSEPPKTGYSGE
QVAVYLHKLARQFSPDRPFDLVAHDIGIWNTYPMVVKNQADIARLVYMQAPIPDARIYRFPAFTAQGESLVWHFSFFAAD
DRLAETLIAGKERFFLEHFIKSHASNTEVFSERLLDLYARSYAKPHSLNASFEYYRALNESVRQNAELAKTRLQMPTMTL
AGGGHGGMGTFQLEQMKAYAEDVEGHVLPGCGHWLPEECAAPMNRLVIDFLSRGRHHHHHH
;
_entity_poly.pdbx_strand_id   A,B,C,D
#
loop_
_chem_comp.id
_chem_comp.type
_chem_comp.name
_chem_comp.formula
7LE non-polymer '(5Z,8Z,11Z,14R,15R,17Z)-14,15-dihydroxyicosa-5,8,11,17-tetraenoic acid' 'C20 H32 O4'
#
# COMPACT_ATOMS: atom_id res chain seq x y z
N ALA A 1 -4.72 -13.90 -29.84
CA ALA A 1 -5.04 -13.47 -28.49
C ALA A 1 -4.04 -12.42 -27.98
N GLU A 2 -4.55 -11.46 -27.22
CA GLU A 2 -3.72 -10.38 -26.69
C GLU A 2 -3.92 -10.32 -25.19
N GLU A 3 -2.81 -10.42 -24.44
CA GLU A 3 -2.89 -10.36 -22.99
C GLU A 3 -3.27 -8.96 -22.49
N PHE A 4 -2.87 -7.92 -23.20
CA PHE A 4 -3.15 -6.53 -22.82
C PHE A 4 -3.65 -5.75 -24.03
N PRO A 5 -4.50 -4.75 -23.81
CA PRO A 5 -5.08 -4.02 -24.95
C PRO A 5 -4.05 -3.15 -25.64
N VAL A 6 -4.00 -3.25 -26.96
CA VAL A 6 -3.04 -2.48 -27.74
C VAL A 6 -3.56 -1.05 -27.89
N PRO A 7 -2.75 -0.02 -27.70
CA PRO A 7 -3.24 1.35 -27.92
C PRO A 7 -3.64 1.53 -29.36
N ASN A 8 -4.63 2.40 -29.58
CA ASN A 8 -5.11 2.69 -30.93
C ASN A 8 -3.95 3.11 -31.83
N GLY A 9 -3.89 2.50 -33.02
CA GLY A 9 -2.86 2.82 -33.98
C GLY A 9 -1.56 2.08 -33.80
N PHE A 10 -1.46 1.21 -32.81
CA PHE A 10 -0.30 0.33 -32.63
C PHE A 10 -0.64 -1.06 -33.14
N GLU A 11 0.40 -1.86 -33.41
CA GLU A 11 0.23 -3.24 -33.80
C GLU A 11 0.93 -4.16 -32.81
N SER A 12 0.30 -5.31 -32.54
CA SER A 12 0.91 -6.38 -31.77
C SER A 12 1.42 -7.41 -32.77
N ALA A 13 2.71 -7.72 -32.71
CA ALA A 13 3.31 -8.59 -33.71
C ALA A 13 4.39 -9.42 -33.04
N TYR A 14 5.00 -10.31 -33.82
CA TYR A 14 6.06 -11.16 -33.31
C TYR A 14 7.21 -11.16 -34.30
N ARG A 15 8.41 -11.38 -33.77
CA ARG A 15 9.60 -11.48 -34.60
C ARG A 15 10.49 -12.57 -34.03
N GLU A 16 10.88 -13.52 -34.89
CA GLU A 16 11.79 -14.58 -34.51
C GLU A 16 13.21 -14.02 -34.50
N VAL A 17 13.90 -14.12 -33.38
CA VAL A 17 15.28 -13.68 -33.26
C VAL A 17 16.08 -14.84 -32.69
N ASP A 18 17.07 -15.31 -33.45
CA ASP A 18 17.92 -16.42 -33.01
C ASP A 18 17.08 -17.58 -32.45
N GLY A 19 16.03 -17.94 -33.19
CA GLY A 19 15.20 -19.06 -32.83
C GLY A 19 14.17 -18.81 -31.73
N VAL A 20 14.03 -17.57 -31.27
CA VAL A 20 13.14 -17.22 -30.17
C VAL A 20 12.10 -16.24 -30.71
N LYS A 21 10.81 -16.57 -30.52
CA LYS A 21 9.73 -15.72 -31.01
C LYS A 21 9.46 -14.65 -29.97
N LEU A 22 9.78 -13.40 -30.29
CA LEU A 22 9.61 -12.26 -29.40
C LEU A 22 8.33 -11.51 -29.74
N HIS A 23 7.52 -11.24 -28.74
CA HIS A 23 6.34 -10.40 -28.92
C HIS A 23 6.72 -8.92 -28.72
N TYR A 24 6.10 -8.04 -29.49
CA TYR A 24 6.31 -6.61 -29.32
C TYR A 24 5.06 -5.86 -29.77
N VAL A 25 4.95 -4.62 -29.31
CA VAL A 25 3.90 -3.69 -29.75
C VAL A 25 4.60 -2.49 -30.35
N LYS A 26 4.14 -2.04 -31.51
CA LYS A 26 4.88 -1.08 -32.32
C LYS A 26 3.94 -0.05 -32.92
N GLY A 27 4.40 1.19 -32.97
CA GLY A 27 3.60 2.23 -33.60
C GLY A 27 4.45 3.47 -33.83
N GLY A 28 3.90 4.39 -34.62
CA GLY A 28 4.57 5.66 -34.83
C GLY A 28 5.48 5.65 -36.04
N GLN A 29 6.15 6.79 -36.24
CA GLN A 29 7.06 7.00 -37.36
C GLN A 29 8.23 7.84 -36.89
N GLY A 30 9.37 7.67 -37.56
CA GLY A 30 10.56 8.41 -37.20
C GLY A 30 11.62 7.51 -36.61
N PRO A 31 12.65 8.09 -36.01
CA PRO A 31 13.72 7.28 -35.40
C PRO A 31 13.15 6.33 -34.35
N LEU A 32 13.82 5.21 -34.17
CA LEU A 32 13.30 4.15 -33.32
C LEU A 32 13.64 4.38 -31.86
N VAL A 33 12.67 4.16 -30.98
CA VAL A 33 12.87 4.05 -29.55
CA VAL A 33 12.89 4.04 -29.55
C VAL A 33 12.35 2.70 -29.10
N MET A 34 13.17 1.95 -28.36
CA MET A 34 12.77 0.68 -27.78
C MET A 34 12.57 0.87 -26.28
N LEU A 35 11.41 0.44 -25.79
CA LEU A 35 11.07 0.52 -24.37
C LEU A 35 11.07 -0.90 -23.79
N VAL A 36 11.84 -1.14 -22.72
CA VAL A 36 12.04 -2.49 -22.19
C VAL A 36 11.55 -2.55 -20.75
N HIS A 37 10.51 -3.36 -20.51
CA HIS A 37 9.83 -3.48 -19.22
C HIS A 37 10.66 -4.29 -18.22
N GLY A 38 10.14 -4.41 -17.00
CA GLY A 38 10.80 -5.18 -15.94
C GLY A 38 9.97 -6.27 -15.30
N PHE A 39 10.44 -6.76 -14.15
CA PHE A 39 9.82 -7.89 -13.47
C PHE A 39 8.40 -7.58 -13.04
N GLY A 40 7.52 -8.58 -13.17
CA GLY A 40 6.14 -8.46 -12.78
C GLY A 40 5.27 -7.81 -13.81
N GLN A 41 5.83 -7.32 -14.91
CA GLN A 41 5.08 -6.58 -15.92
C GLN A 41 5.44 -7.07 -17.32
N THR A 42 5.00 -6.32 -18.33
CA THR A 42 5.16 -6.63 -19.73
C THR A 42 5.30 -5.31 -20.47
N TRP A 43 5.25 -5.37 -21.80
CA TRP A 43 5.23 -4.14 -22.59
C TRP A 43 4.17 -3.16 -22.11
N TYR A 44 3.09 -3.66 -21.49
CA TYR A 44 1.95 -2.83 -21.16
C TYR A 44 2.28 -1.71 -20.18
N GLU A 45 3.34 -1.84 -19.37
CA GLU A 45 3.64 -0.73 -18.47
C GLU A 45 3.90 0.56 -19.23
N TRP A 46 4.26 0.48 -20.51
CA TRP A 46 4.59 1.62 -21.35
C TRP A 46 3.38 2.17 -22.11
N HIS A 47 2.19 1.61 -21.91
CA HIS A 47 1.10 1.90 -22.85
C HIS A 47 0.61 3.35 -22.79
N GLN A 48 0.86 4.06 -21.69
CA GLN A 48 0.47 5.47 -21.63
C GLN A 48 1.52 6.38 -22.22
N LEU A 49 2.79 6.00 -22.13
CA LEU A 49 3.87 6.74 -22.76
C LEU A 49 3.93 6.54 -24.27
N MET A 50 3.52 5.36 -24.75
CA MET A 50 3.75 5.00 -26.14
C MET A 50 3.04 5.94 -27.14
N PRO A 51 1.76 6.30 -26.96
CA PRO A 51 1.14 7.19 -27.96
C PRO A 51 1.80 8.55 -28.05
N GLU A 52 2.30 9.08 -26.92
CA GLU A 52 2.96 10.39 -26.93
CA GLU A 52 2.93 10.40 -26.97
C GLU A 52 4.29 10.32 -27.66
N LEU A 53 5.08 9.28 -27.39
CA LEU A 53 6.34 9.11 -28.11
C LEU A 53 6.11 8.87 -29.60
N ALA A 54 5.03 8.14 -29.93
CA ALA A 54 4.81 7.80 -31.34
C ALA A 54 4.48 9.00 -32.20
N LYS A 55 4.23 10.18 -31.60
CA LYS A 55 4.05 11.38 -32.42
C LYS A 55 5.35 11.85 -33.05
N ARG A 56 6.49 11.39 -32.54
CA ARG A 56 7.80 11.80 -33.04
C ARG A 56 8.72 10.64 -33.36
N PHE A 57 8.47 9.45 -32.84
CA PHE A 57 9.36 8.31 -32.99
C PHE A 57 8.57 7.09 -33.46
N THR A 58 9.29 6.14 -34.06
CA THR A 58 8.81 4.77 -34.13
C THR A 58 9.08 4.13 -32.78
N VAL A 59 8.04 3.56 -32.16
CA VAL A 59 8.14 3.05 -30.81
C VAL A 59 7.92 1.55 -30.84
N ILE A 60 8.83 0.79 -30.24
CA ILE A 60 8.67 -0.66 -30.11
CA ILE A 60 8.67 -0.65 -30.11
C ILE A 60 8.82 -1.02 -28.64
N ALA A 61 7.91 -1.86 -28.14
CA ALA A 61 7.91 -2.29 -26.75
C ALA A 61 7.83 -3.81 -26.76
N PRO A 62 8.96 -4.49 -26.63
CA PRO A 62 8.94 -5.96 -26.63
C PRO A 62 8.63 -6.52 -25.24
N ASP A 63 8.14 -7.76 -25.24
CA ASP A 63 8.10 -8.56 -24.02
C ASP A 63 9.45 -9.26 -23.85
N LEU A 64 10.01 -9.19 -22.64
CA LEU A 64 11.25 -9.89 -22.35
C LEU A 64 11.10 -11.38 -22.59
N PRO A 65 12.17 -12.06 -23.01
CA PRO A 65 12.08 -13.49 -23.25
C PRO A 65 11.47 -14.26 -22.09
N GLY A 66 10.45 -15.07 -22.40
CA GLY A 66 9.75 -15.85 -21.41
C GLY A 66 8.60 -15.12 -20.73
N LEU A 67 8.58 -13.80 -20.80
CA LEU A 67 7.56 -12.98 -20.15
C LEU A 67 6.59 -12.45 -21.20
N GLY A 68 5.45 -11.98 -20.73
CA GLY A 68 4.39 -11.58 -21.65
C GLY A 68 4.12 -12.68 -22.65
N GLN A 69 4.12 -12.32 -23.94
CA GLN A 69 3.87 -13.26 -25.02
C GLN A 69 5.16 -13.65 -25.76
N SER A 70 6.32 -13.42 -25.16
CA SER A 70 7.60 -13.83 -25.75
C SER A 70 8.05 -15.21 -25.28
N GLU A 71 8.58 -15.99 -26.21
CA GLU A 71 9.12 -17.30 -25.85
C GLU A 71 10.36 -17.15 -24.97
N PRO A 72 10.64 -18.16 -24.14
CA PRO A 72 11.85 -18.12 -23.32
C PRO A 72 13.09 -18.09 -24.18
N PRO A 73 14.19 -17.56 -23.65
CA PRO A 73 15.45 -17.57 -24.41
C PRO A 73 15.97 -18.99 -24.56
N LYS A 74 16.66 -19.23 -25.66
CA LYS A 74 17.30 -20.52 -25.89
C LYS A 74 18.72 -20.57 -25.35
N THR A 75 19.40 -19.44 -25.22
CA THR A 75 20.76 -19.45 -24.69
C THR A 75 20.75 -19.45 -23.17
N GLY A 76 20.15 -18.43 -22.56
CA GLY A 76 20.11 -18.31 -21.13
C GLY A 76 19.58 -16.93 -20.75
N TYR A 77 19.56 -16.68 -19.44
CA TYR A 77 18.91 -15.50 -18.89
C TYR A 77 19.89 -14.46 -18.35
N SER A 78 21.19 -14.66 -18.53
CA SER A 78 22.13 -13.63 -18.12
C SER A 78 21.96 -12.38 -18.97
N GLY A 79 22.42 -11.24 -18.43
CA GLY A 79 22.24 -9.98 -19.14
C GLY A 79 22.82 -9.99 -20.53
N GLU A 80 24.03 -10.56 -20.68
CA GLU A 80 24.66 -10.56 -21.99
C GLU A 80 23.90 -11.44 -22.98
N GLN A 81 23.36 -12.55 -22.50
CA GLN A 81 22.63 -13.45 -23.39
C GLN A 81 21.32 -12.83 -23.86
N VAL A 82 20.56 -12.25 -22.93
CA VAL A 82 19.27 -11.68 -23.31
C VAL A 82 19.48 -10.43 -24.15
N ALA A 83 20.52 -9.66 -23.85
CA ALA A 83 20.76 -8.42 -24.58
C ALA A 83 20.94 -8.68 -26.07
N VAL A 84 21.47 -9.85 -26.44
CA VAL A 84 21.62 -10.17 -27.85
C VAL A 84 20.26 -10.16 -28.53
N TYR A 85 19.25 -10.81 -27.93
CA TYR A 85 17.92 -10.85 -28.54
C TYR A 85 17.37 -9.44 -28.73
N LEU A 86 17.47 -8.60 -27.70
CA LEU A 86 16.88 -7.27 -27.77
C LEU A 86 17.65 -6.39 -28.76
N HIS A 87 18.98 -6.53 -28.83
CA HIS A 87 19.74 -5.74 -29.80
C HIS A 87 19.37 -6.12 -31.22
N LYS A 88 19.33 -7.42 -31.50
CA LYS A 88 19.01 -7.85 -32.86
C LYS A 88 17.59 -7.46 -33.24
N LEU A 89 16.66 -7.54 -32.28
CA LEU A 89 15.28 -7.12 -32.55
C LEU A 89 15.25 -5.65 -32.95
N ALA A 90 15.84 -4.79 -32.12
CA ALA A 90 15.85 -3.37 -32.43
C ALA A 90 16.50 -3.09 -33.77
N ARG A 91 17.64 -3.75 -34.04
CA ARG A 91 18.35 -3.49 -35.29
C ARG A 91 17.59 -3.98 -36.51
N GLN A 92 16.66 -4.92 -36.37
CA GLN A 92 15.83 -5.28 -37.51
C GLN A 92 14.95 -4.12 -37.97
N PHE A 93 14.52 -3.27 -37.03
CA PHE A 93 13.70 -2.12 -37.37
C PHE A 93 14.52 -0.85 -37.59
N SER A 94 15.76 -0.81 -37.10
CA SER A 94 16.65 0.33 -37.30
C SER A 94 18.03 -0.18 -37.74
N PRO A 95 18.12 -0.75 -38.95
CA PRO A 95 19.38 -1.39 -39.36
C PRO A 95 20.50 -0.41 -39.70
N ASP A 96 20.17 0.83 -40.05
CA ASP A 96 21.14 1.79 -40.56
C ASP A 96 21.28 3.04 -39.71
N ARG A 97 20.56 3.14 -38.60
CA ARG A 97 20.57 4.32 -37.74
C ARG A 97 20.64 3.86 -36.29
N PRO A 98 21.23 4.68 -35.42
CA PRO A 98 21.14 4.41 -33.98
C PRO A 98 19.70 4.57 -33.51
N PHE A 99 19.38 3.88 -32.42
CA PHE A 99 18.06 3.95 -31.82
C PHE A 99 18.17 4.37 -30.35
N ASP A 100 17.05 4.81 -29.79
CA ASP A 100 16.98 5.18 -28.38
C ASP A 100 16.49 3.99 -27.56
N LEU A 101 16.89 3.97 -26.29
CA LEU A 101 16.54 2.89 -25.39
C LEU A 101 16.02 3.45 -24.08
N VAL A 102 14.86 2.95 -23.63
CA VAL A 102 14.31 3.22 -22.30
C VAL A 102 14.11 1.88 -21.62
N ALA A 103 14.59 1.74 -20.37
CA ALA A 103 14.50 0.46 -19.69
C ALA A 103 14.20 0.67 -18.22
N HIS A 104 13.43 -0.27 -17.64
CA HIS A 104 12.91 -0.22 -16.27
C HIS A 104 13.26 -1.54 -15.58
N ASP A 105 13.82 -1.47 -14.37
CA ASP A 105 13.99 -2.68 -13.53
C ASP A 105 14.89 -3.65 -14.28
N ILE A 106 14.55 -4.94 -14.40
CA ILE A 106 15.49 -5.86 -15.04
C ILE A 106 15.63 -5.60 -16.53
N GLY A 107 14.80 -4.74 -17.12
CA GLY A 107 15.11 -4.26 -18.47
C GLY A 107 16.51 -3.66 -18.57
N ILE A 108 16.97 -3.03 -17.50
CA ILE A 108 18.33 -2.51 -17.44
C ILE A 108 19.33 -3.65 -17.54
N TRP A 109 19.14 -4.68 -16.71
CA TRP A 109 20.04 -5.83 -16.71
C TRP A 109 20.16 -6.44 -18.09
N ASN A 110 19.05 -6.50 -18.81
CA ASN A 110 18.94 -7.20 -20.08
C ASN A 110 19.29 -6.34 -21.27
N THR A 111 19.66 -5.08 -21.05
CA THR A 111 20.10 -4.19 -22.12
C THR A 111 21.49 -3.62 -21.91
N TYR A 112 21.96 -3.48 -20.67
CA TYR A 112 23.26 -2.85 -20.47
C TYR A 112 24.38 -3.49 -21.30
N PRO A 113 24.50 -4.83 -21.40
CA PRO A 113 25.61 -5.37 -22.20
C PRO A 113 25.55 -5.00 -23.67
N MET A 114 24.36 -4.93 -24.27
CA MET A 114 24.36 -4.59 -25.69
C MET A 114 24.59 -3.09 -25.91
N VAL A 115 24.26 -2.26 -24.92
CA VAL A 115 24.58 -0.84 -25.01
C VAL A 115 26.09 -0.64 -25.00
N VAL A 116 26.78 -1.30 -24.07
CA VAL A 116 28.21 -1.08 -23.95
C VAL A 116 28.97 -1.76 -25.09
N LYS A 117 28.46 -2.86 -25.64
CA LYS A 117 29.16 -3.54 -26.73
C LYS A 117 28.81 -2.99 -28.12
N ASN A 118 27.78 -2.16 -28.22
CA ASN A 118 27.34 -1.58 -29.48
C ASN A 118 27.03 -0.11 -29.30
N GLN A 119 27.99 0.64 -28.74
CA GLN A 119 27.70 2.02 -28.35
C GLN A 119 27.25 2.87 -29.53
N ALA A 120 27.77 2.63 -30.72
CA ALA A 120 27.38 3.45 -31.87
C ALA A 120 25.92 3.23 -32.26
N ASP A 121 25.30 2.13 -31.84
CA ASP A 121 23.91 1.85 -32.17
C ASP A 121 22.92 2.53 -31.24
N ILE A 122 23.36 3.07 -30.11
CA ILE A 122 22.48 3.67 -29.10
C ILE A 122 22.65 5.17 -29.14
N ALA A 123 21.60 5.89 -29.55
CA ALA A 123 21.70 7.35 -29.64
C ALA A 123 21.58 8.00 -28.27
N ARG A 124 20.54 7.63 -27.52
CA ARG A 124 20.25 8.15 -26.19
C ARG A 124 19.69 7.04 -25.33
N LEU A 125 19.92 7.13 -24.03
CA LEU A 125 19.66 6.05 -23.10
C LEU A 125 18.92 6.59 -21.89
N VAL A 126 17.84 5.93 -21.49
CA VAL A 126 17.12 6.27 -20.26
C VAL A 126 16.98 5.00 -19.44
N TYR A 127 17.46 5.03 -18.18
CA TYR A 127 17.37 3.90 -17.27
C TYR A 127 16.64 4.32 -16.00
N MET A 128 15.71 3.47 -15.53
CA MET A 128 14.97 3.79 -14.32
C MET A 128 14.80 2.58 -13.41
N GLN A 129 15.03 2.81 -12.12
CA GLN A 129 14.65 1.88 -11.05
C GLN A 129 15.25 0.49 -11.21
N ALA A 130 16.56 0.43 -11.35
CA ALA A 130 17.29 -0.80 -11.11
C ALA A 130 18.77 -0.53 -11.04
N PRO A 131 19.51 -1.23 -10.17
CA PRO A 131 20.97 -1.19 -10.25
C PRO A 131 21.46 -1.95 -11.47
N ILE A 132 22.48 -1.39 -12.14
CA ILE A 132 23.23 -2.24 -13.06
C ILE A 132 23.89 -3.34 -12.24
N PRO A 133 23.79 -4.61 -12.64
CA PRO A 133 24.37 -5.68 -11.83
C PRO A 133 25.88 -5.51 -11.70
N ASP A 134 26.34 -5.30 -10.47
CA ASP A 134 27.77 -5.25 -10.16
C ASP A 134 27.94 -5.53 -8.67
N ALA A 135 29.16 -5.34 -8.17
CA ALA A 135 29.48 -5.75 -6.80
C ALA A 135 28.68 -4.96 -5.75
N ARG A 136 28.13 -3.80 -6.11
CA ARG A 136 27.32 -3.04 -5.16
CA ARG A 136 27.33 -3.04 -5.14
C ARG A 136 26.15 -3.85 -4.63
N ILE A 137 25.61 -4.76 -5.44
CA ILE A 137 24.42 -5.49 -5.01
C ILE A 137 24.72 -6.44 -3.86
N TYR A 138 26.00 -6.76 -3.62
CA TYR A 138 26.33 -7.66 -2.52
C TYR A 138 26.37 -6.94 -1.17
N ARG A 139 26.21 -5.62 -1.16
CA ARG A 139 26.19 -4.87 0.08
C ARG A 139 24.80 -4.42 0.49
N PHE A 140 23.82 -4.46 -0.41
CA PHE A 140 22.47 -4.00 -0.08
C PHE A 140 21.91 -4.82 1.09
N PRO A 141 21.35 -4.18 2.12
CA PRO A 141 20.92 -4.94 3.31
C PRO A 141 19.66 -5.77 3.08
N ALA A 142 19.64 -6.91 3.78
CA ALA A 142 18.52 -7.84 3.74
C ALA A 142 17.31 -7.34 4.51
N PHE A 143 17.52 -6.53 5.54
CA PHE A 143 16.47 -6.16 6.48
C PHE A 143 16.72 -4.73 6.95
N THR A 144 15.68 -3.89 6.94
CA THR A 144 15.81 -2.48 7.25
C THR A 144 15.03 -2.10 8.50
N ALA A 145 15.52 -1.04 9.17
CA ALA A 145 14.89 -0.56 10.40
C ALA A 145 13.53 0.03 10.13
N GLN A 146 13.35 0.56 8.93
CA GLN A 146 12.16 1.29 8.53
C GLN A 146 11.82 0.87 7.12
N GLY A 147 10.53 0.88 6.79
CA GLY A 147 10.15 0.39 5.49
C GLY A 147 10.54 -1.06 5.35
N GLU A 148 10.97 -1.43 4.14
CA GLU A 148 11.30 -2.81 3.84
C GLU A 148 12.47 -2.83 2.89
N SER A 149 13.30 -3.86 3.02
CA SER A 149 14.44 -4.03 2.12
C SER A 149 13.93 -4.16 0.68
N LEU A 150 14.49 -3.34 -0.21
CA LEU A 150 14.07 -3.38 -1.60
C LEU A 150 14.63 -4.58 -2.35
N VAL A 151 15.52 -5.36 -1.71
CA VAL A 151 16.38 -6.26 -2.45
CA VAL A 151 16.42 -6.25 -2.41
C VAL A 151 16.30 -7.69 -1.94
N TRP A 152 15.57 -7.98 -0.86
CA TRP A 152 15.51 -9.37 -0.39
C TRP A 152 14.90 -10.31 -1.42
N HIS A 153 14.07 -9.81 -2.34
CA HIS A 153 13.53 -10.68 -3.37
C HIS A 153 14.62 -11.28 -4.26
N PHE A 154 15.79 -10.63 -4.37
CA PHE A 154 16.89 -11.22 -5.13
C PHE A 154 17.16 -12.65 -4.65
N SER A 155 17.20 -12.85 -3.33
CA SER A 155 17.56 -14.17 -2.81
C SER A 155 16.38 -15.13 -2.89
N PHE A 156 15.17 -14.65 -2.61
CA PHE A 156 13.98 -15.47 -2.77
C PHE A 156 13.90 -16.03 -4.18
N PHE A 157 14.06 -15.15 -5.18
CA PHE A 157 13.88 -15.57 -6.57
C PHE A 157 15.05 -16.42 -7.03
N ALA A 158 16.27 -16.21 -6.50
CA ALA A 158 17.43 -16.98 -6.93
C ALA A 158 17.58 -18.29 -6.17
N ALA A 159 16.79 -18.52 -5.13
CA ALA A 159 16.93 -19.73 -4.33
C ALA A 159 16.76 -20.97 -5.20
N ASP A 160 17.49 -22.04 -4.87
CA ASP A 160 17.46 -23.23 -5.70
C ASP A 160 16.24 -24.08 -5.36
N ASP A 161 16.16 -25.25 -5.99
CA ASP A 161 15.06 -26.20 -5.83
C ASP A 161 13.71 -25.57 -6.22
N ARG A 162 13.74 -24.59 -7.13
CA ARG A 162 12.53 -23.91 -7.59
C ARG A 162 11.65 -23.45 -6.44
N LEU A 163 12.29 -22.90 -5.40
CA LEU A 163 11.55 -22.48 -4.21
C LEU A 163 10.43 -21.48 -4.58
N ALA A 164 10.77 -20.42 -5.31
CA ALA A 164 9.78 -19.38 -5.56
C ALA A 164 8.61 -19.91 -6.40
N GLU A 165 8.89 -20.66 -7.48
CA GLU A 165 7.80 -21.20 -8.28
C GLU A 165 6.93 -22.13 -7.48
N THR A 166 7.55 -22.95 -6.62
CA THR A 166 6.79 -23.92 -5.85
C THR A 166 5.86 -23.22 -4.85
N LEU A 167 6.33 -22.15 -4.22
CA LEU A 167 5.48 -21.47 -3.26
C LEU A 167 4.44 -20.57 -3.92
N ILE A 168 4.77 -19.99 -5.08
CA ILE A 168 3.91 -18.97 -5.68
C ILE A 168 2.89 -19.55 -6.65
N ALA A 169 3.16 -20.71 -7.24
CA ALA A 169 2.20 -21.31 -8.17
C ALA A 169 0.83 -21.43 -7.51
N GLY A 170 -0.21 -20.99 -8.23
CA GLY A 170 -1.54 -20.99 -7.66
C GLY A 170 -1.87 -19.79 -6.81
N LYS A 171 -0.88 -18.98 -6.44
CA LYS A 171 -1.07 -17.78 -5.62
C LYS A 171 -0.46 -16.58 -6.32
N GLU A 172 -0.40 -16.62 -7.66
CA GLU A 172 0.31 -15.59 -8.40
C GLU A 172 -0.36 -14.23 -8.27
N ARG A 173 -1.69 -14.21 -8.27
CA ARG A 173 -2.39 -12.94 -8.21
C ARG A 173 -2.23 -12.29 -6.84
N PHE A 174 -2.28 -13.09 -5.78
CA PHE A 174 -1.97 -12.60 -4.44
C PHE A 174 -0.55 -12.07 -4.35
N PHE A 175 0.41 -12.86 -4.83
CA PHE A 175 1.81 -12.43 -4.68
C PHE A 175 2.09 -11.16 -5.45
N LEU A 176 1.54 -11.04 -6.67
N LEU A 176 1.53 -11.02 -6.67
CA LEU A 176 1.83 -9.88 -7.50
CA LEU A 176 1.87 -9.87 -7.49
C LEU A 176 1.29 -8.60 -6.89
C LEU A 176 1.27 -8.58 -6.93
N GLU A 177 0.08 -8.66 -6.34
CA GLU A 177 -0.47 -7.47 -5.69
C GLU A 177 0.41 -7.07 -4.51
N HIS A 178 0.89 -8.06 -3.75
CA HIS A 178 1.72 -7.72 -2.62
C HIS A 178 3.05 -7.09 -3.05
N PHE A 179 3.77 -7.71 -3.99
N PHE A 179 3.75 -7.74 -3.98
CA PHE A 179 5.08 -7.13 -4.29
CA PHE A 179 5.04 -7.26 -4.43
C PHE A 179 4.98 -5.84 -5.08
C PHE A 179 4.93 -5.86 -5.03
N ILE A 180 3.92 -5.65 -5.88
CA ILE A 180 3.79 -4.36 -6.55
C ILE A 180 3.49 -3.26 -5.52
N LYS A 181 2.50 -3.50 -4.67
CA LYS A 181 2.13 -2.43 -3.73
C LYS A 181 3.21 -2.18 -2.69
N SER A 182 3.94 -3.23 -2.27
CA SER A 182 5.00 -3.04 -1.29
CA SER A 182 5.00 -3.02 -1.29
C SER A 182 6.16 -2.22 -1.85
N HIS A 183 6.32 -2.17 -3.17
CA HIS A 183 7.35 -1.37 -3.82
C HIS A 183 6.80 -0.07 -4.38
N ALA A 184 5.61 0.35 -3.97
CA ALA A 184 4.99 1.54 -4.52
C ALA A 184 4.77 2.60 -3.45
N SER A 185 4.76 3.86 -3.89
CA SER A 185 4.32 5.00 -3.09
CA SER A 185 4.31 4.97 -3.07
C SER A 185 2.84 5.29 -3.36
N ASN A 186 2.50 5.47 -4.63
CA ASN A 186 1.12 5.72 -5.04
C ASN A 186 0.44 4.39 -5.37
N THR A 187 0.04 3.67 -4.33
CA THR A 187 -0.53 2.34 -4.54
C THR A 187 -1.88 2.40 -5.23
N GLU A 188 -2.58 3.53 -5.16
CA GLU A 188 -3.95 3.58 -5.65
C GLU A 188 -4.05 3.35 -7.15
N VAL A 189 -2.96 3.54 -7.92
CA VAL A 189 -3.03 3.28 -9.35
C VAL A 189 -3.11 1.80 -9.66
N PHE A 190 -2.83 0.93 -8.69
CA PHE A 190 -2.88 -0.50 -8.98
C PHE A 190 -4.26 -1.05 -8.60
N SER A 191 -5.23 -0.74 -9.47
CA SER A 191 -6.59 -1.25 -9.37
C SER A 191 -6.60 -2.77 -9.46
N GLU A 192 -7.65 -3.38 -8.89
CA GLU A 192 -7.77 -4.84 -9.00
C GLU A 192 -7.79 -5.27 -10.46
N ARG A 193 -8.40 -4.47 -11.34
CA ARG A 193 -8.47 -4.80 -12.76
C ARG A 193 -7.10 -4.82 -13.41
N LEU A 194 -6.25 -3.83 -13.12
CA LEU A 194 -4.92 -3.82 -13.69
C LEU A 194 -4.06 -4.95 -13.12
N LEU A 195 -4.17 -5.20 -11.82
CA LEU A 195 -3.44 -6.31 -11.23
C LEU A 195 -3.87 -7.64 -11.83
N ASP A 196 -5.17 -7.80 -12.14
CA ASP A 196 -5.63 -9.03 -12.78
C ASP A 196 -4.89 -9.26 -14.10
N LEU A 197 -4.77 -8.21 -14.90
CA LEU A 197 -4.09 -8.32 -16.19
C LEU A 197 -2.64 -8.77 -16.04
N TYR A 198 -1.89 -8.12 -15.16
CA TYR A 198 -0.49 -8.51 -15.00
C TYR A 198 -0.37 -9.93 -14.44
N ALA A 199 -1.22 -10.27 -13.46
CA ALA A 199 -1.09 -11.59 -12.84
C ALA A 199 -1.41 -12.71 -13.84
N ARG A 200 -2.42 -12.52 -14.67
CA ARG A 200 -2.77 -13.55 -15.65
C ARG A 200 -1.59 -13.84 -16.56
N SER A 201 -0.82 -12.81 -16.92
CA SER A 201 0.31 -13.04 -17.82
C SER A 201 1.44 -13.79 -17.13
N TYR A 202 1.88 -13.33 -15.95
CA TYR A 202 3.03 -14.01 -15.39
C TYR A 202 2.68 -15.31 -14.67
N ALA A 203 1.39 -15.66 -14.57
CA ALA A 203 1.00 -16.97 -14.04
C ALA A 203 1.15 -18.10 -15.06
N LYS A 204 1.35 -17.78 -16.35
CA LYS A 204 1.71 -18.82 -17.30
C LYS A 204 2.95 -19.55 -16.76
N PRO A 205 2.93 -20.88 -16.65
CA PRO A 205 4.03 -21.56 -15.95
C PRO A 205 5.41 -21.23 -16.50
N HIS A 206 5.56 -21.12 -17.83
CA HIS A 206 6.88 -20.76 -18.36
C HIS A 206 7.25 -19.31 -18.06
N SER A 207 6.25 -18.44 -17.87
CA SER A 207 6.55 -17.05 -17.52
C SER A 207 6.89 -16.89 -16.04
N LEU A 208 6.21 -17.64 -15.17
CA LEU A 208 6.60 -17.63 -13.75
C LEU A 208 8.03 -18.11 -13.59
N ASN A 209 8.39 -19.21 -14.25
CA ASN A 209 9.76 -19.69 -14.17
C ASN A 209 10.73 -18.71 -14.80
N ALA A 210 10.41 -18.22 -16.00
CA ALA A 210 11.28 -17.24 -16.65
C ALA A 210 11.58 -16.06 -15.74
N SER A 211 10.55 -15.55 -15.06
CA SER A 211 10.73 -14.40 -14.17
C SER A 211 11.88 -14.63 -13.19
N PHE A 212 11.94 -15.83 -12.60
CA PHE A 212 12.94 -16.10 -11.57
C PHE A 212 14.29 -16.48 -12.15
N GLU A 213 14.31 -17.00 -13.39
CA GLU A 213 15.60 -17.34 -13.99
C GLU A 213 16.46 -16.11 -14.21
N TYR A 214 15.84 -14.92 -14.38
CA TYR A 214 16.62 -13.69 -14.48
C TYR A 214 17.44 -13.46 -13.21
N TYR A 215 16.88 -13.82 -12.05
CA TYR A 215 17.59 -13.66 -10.78
C TYR A 215 18.57 -14.80 -10.55
N ARG A 216 18.26 -16.00 -11.05
CA ARG A 216 19.19 -17.12 -10.95
C ARG A 216 20.44 -16.90 -11.79
N ALA A 217 20.38 -15.98 -12.74
CA ALA A 217 21.49 -15.62 -13.58
C ALA A 217 22.17 -14.32 -13.15
N LEU A 218 21.71 -13.73 -12.03
CA LEU A 218 22.22 -12.42 -11.63
C LEU A 218 23.71 -12.44 -11.31
N ASN A 219 24.18 -13.47 -10.59
CA ASN A 219 25.61 -13.52 -10.29
C ASN A 219 26.43 -13.62 -11.56
N GLU A 220 25.95 -14.38 -12.54
CA GLU A 220 26.63 -14.44 -13.82
C GLU A 220 26.62 -13.08 -14.51
N SER A 221 25.49 -12.36 -14.45
CA SER A 221 25.42 -11.03 -15.03
C SER A 221 26.42 -10.08 -14.38
N VAL A 222 26.57 -10.16 -13.05
CA VAL A 222 27.59 -9.36 -12.37
C VAL A 222 28.98 -9.68 -12.91
N ARG A 223 29.30 -10.97 -13.03
CA ARG A 223 30.61 -11.35 -13.56
C ARG A 223 30.80 -10.84 -14.98
N GLN A 224 29.74 -10.91 -15.81
CA GLN A 224 29.84 -10.36 -17.16
C GLN A 224 30.14 -8.87 -17.15
N ASN A 225 29.45 -8.12 -16.28
CA ASN A 225 29.56 -6.67 -16.30
C ASN A 225 30.86 -6.18 -15.69
N ALA A 226 31.53 -7.00 -14.88
CA ALA A 226 32.86 -6.63 -14.38
C ALA A 226 33.82 -6.41 -15.54
N GLU A 227 33.72 -7.22 -16.59
CA GLU A 227 34.55 -7.01 -17.77
C GLU A 227 34.03 -5.87 -18.63
N LEU A 228 32.72 -5.83 -18.86
CA LEU A 228 32.17 -4.84 -19.80
C LEU A 228 32.38 -3.43 -19.28
N ALA A 229 32.29 -3.24 -17.97
CA ALA A 229 32.34 -1.89 -17.40
C ALA A 229 33.71 -1.24 -17.53
N LYS A 230 34.70 -1.93 -18.10
CA LYS A 230 35.98 -1.29 -18.35
C LYS A 230 35.92 -0.22 -19.43
N THR A 231 34.81 -0.13 -20.16
CA THR A 231 34.54 0.95 -21.10
C THR A 231 33.31 1.71 -20.62
N ARG A 232 33.47 3.01 -20.34
CA ARG A 232 32.33 3.83 -19.95
C ARG A 232 31.42 4.11 -21.14
N LEU A 233 30.14 4.31 -20.83
CA LEU A 233 29.16 4.69 -21.84
C LEU A 233 29.35 6.14 -22.26
N GLN A 234 29.27 6.38 -23.57
CA GLN A 234 29.57 7.69 -24.16
C GLN A 234 28.34 8.48 -24.60
N MET A 235 27.19 7.82 -24.78
CA MET A 235 26.01 8.52 -25.30
C MET A 235 25.27 9.24 -24.19
N PRO A 236 24.48 10.26 -24.53
CA PRO A 236 23.67 10.95 -23.51
C PRO A 236 22.75 9.98 -22.78
N THR A 237 22.77 10.04 -21.45
CA THR A 237 22.04 9.14 -20.59
CA THR A 237 21.98 9.15 -20.62
C THR A 237 21.25 9.96 -19.56
N MET A 238 20.05 9.48 -19.24
CA MET A 238 19.22 10.05 -18.18
C MET A 238 18.80 8.90 -17.26
N THR A 239 18.88 9.12 -15.97
CA THR A 239 18.35 8.17 -15.00
C THR A 239 17.13 8.77 -14.33
N LEU A 240 16.15 7.92 -14.05
CA LEU A 240 15.00 8.27 -13.22
C LEU A 240 14.93 7.30 -12.05
N ALA A 241 14.53 7.82 -10.89
CA ALA A 241 14.27 6.97 -9.73
C ALA A 241 13.13 7.60 -8.94
N GLY A 242 12.36 6.76 -8.26
CA GLY A 242 11.38 7.27 -7.31
C GLY A 242 12.05 7.74 -6.02
N GLY A 243 11.45 8.77 -5.42
CA GLY A 243 11.91 9.29 -4.15
C GLY A 243 11.09 8.79 -2.98
N GLY A 244 9.96 8.14 -3.28
CA GLY A 244 9.07 7.62 -2.27
C GLY A 244 9.32 6.15 -1.97
N HIS A 245 8.36 5.54 -1.26
CA HIS A 245 8.45 4.15 -0.84
C HIS A 245 8.63 3.24 -2.05
N GLY A 246 9.71 2.43 -2.03
CA GLY A 246 10.04 1.59 -3.17
C GLY A 246 10.99 2.24 -4.16
N GLY A 247 11.27 3.53 -4.00
CA GLY A 247 12.14 4.22 -4.91
C GLY A 247 13.60 4.04 -4.55
N MET A 248 14.45 4.08 -5.58
CA MET A 248 15.89 3.96 -5.33
C MET A 248 16.56 5.27 -4.96
N GLY A 249 15.87 6.39 -5.06
CA GLY A 249 16.45 7.65 -4.59
C GLY A 249 17.71 8.00 -5.35
N THR A 250 18.71 8.52 -4.64
CA THR A 250 19.93 9.00 -5.29
C THR A 250 20.83 7.88 -5.81
N PHE A 251 20.58 6.62 -5.44
CA PHE A 251 21.48 5.55 -5.88
C PHE A 251 21.52 5.44 -7.39
N GLN A 252 20.38 5.65 -8.06
CA GLN A 252 20.33 5.42 -9.50
C GLN A 252 21.33 6.30 -10.23
N LEU A 253 21.31 7.60 -9.95
CA LEU A 253 22.28 8.51 -10.58
C LEU A 253 23.70 8.23 -10.10
N GLU A 254 23.87 7.97 -8.80
CA GLU A 254 25.23 7.84 -8.28
C GLU A 254 25.96 6.64 -8.87
N GLN A 255 25.26 5.52 -9.06
CA GLN A 255 25.87 4.37 -9.72
C GLN A 255 26.12 4.66 -11.19
N MET A 256 25.16 5.31 -11.87
CA MET A 256 25.31 5.57 -13.30
C MET A 256 26.52 6.45 -13.59
N LYS A 257 26.87 7.36 -12.69
CA LYS A 257 28.04 8.21 -12.92
C LYS A 257 29.32 7.38 -13.03
N ALA A 258 29.35 6.21 -12.42
CA ALA A 258 30.51 5.35 -12.57
C ALA A 258 30.53 4.64 -13.92
N TYR A 259 29.39 4.59 -14.60
CA TYR A 259 29.25 3.93 -15.89
C TYR A 259 29.18 4.88 -17.08
N ALA A 260 28.86 6.15 -16.88
CA ALA A 260 28.54 7.01 -18.00
C ALA A 260 29.24 8.35 -17.89
N GLU A 261 29.72 8.86 -19.02
CA GLU A 261 30.38 10.16 -19.00
C GLU A 261 29.41 11.31 -19.06
N ASP A 262 28.22 11.09 -19.62
CA ASP A 262 27.22 12.13 -19.90
C ASP A 262 25.91 11.66 -19.29
N VAL A 263 25.64 12.03 -18.03
CA VAL A 263 24.44 11.53 -17.36
C VAL A 263 23.81 12.66 -16.54
N GLU A 264 22.50 12.76 -16.65
CA GLU A 264 21.70 13.57 -15.75
C GLU A 264 20.70 12.64 -15.10
N GLY A 265 20.27 12.99 -13.90
CA GLY A 265 19.38 12.13 -13.15
C GLY A 265 18.29 12.93 -12.46
N HIS A 266 17.18 12.26 -12.21
CA HIS A 266 16.05 12.86 -11.53
C HIS A 266 15.51 11.89 -10.51
N VAL A 267 15.11 12.44 -9.36
CA VAL A 267 14.41 11.68 -8.34
C VAL A 267 13.00 12.25 -8.27
N LEU A 268 11.99 11.40 -8.46
CA LEU A 268 10.62 11.87 -8.57
C LEU A 268 9.95 11.74 -7.21
N PRO A 269 9.62 12.86 -6.54
CA PRO A 269 9.07 12.76 -5.19
C PRO A 269 7.68 12.15 -5.19
N GLY A 270 7.40 11.39 -4.13
CA GLY A 270 6.10 10.78 -3.98
C GLY A 270 5.84 9.63 -4.93
N CYS A 271 6.88 9.08 -5.54
CA CYS A 271 6.80 8.01 -6.51
C CYS A 271 7.69 6.88 -6.06
N GLY A 272 7.20 5.65 -6.17
CA GLY A 272 8.00 4.50 -5.82
C GLY A 272 8.67 3.83 -6.99
N HIS A 273 8.53 2.53 -7.09
CA HIS A 273 9.24 1.78 -8.13
C HIS A 273 8.59 1.91 -9.49
N TRP A 274 7.26 2.01 -9.54
CA TRP A 274 6.51 1.77 -10.77
C TRP A 274 6.21 3.10 -11.46
N LEU A 275 7.29 3.79 -11.85
CA LEU A 275 7.19 5.17 -12.31
C LEU A 275 6.18 5.40 -13.42
N PRO A 276 6.10 4.57 -14.47
CA PRO A 276 5.15 4.87 -15.56
C PRO A 276 3.69 4.91 -15.10
N GLU A 277 3.36 4.14 -14.07
CA GLU A 277 2.00 4.08 -13.57
C GLU A 277 1.76 4.98 -12.37
N GLU A 278 2.70 5.04 -11.43
CA GLU A 278 2.54 5.86 -10.23
C GLU A 278 2.65 7.34 -10.55
N CYS A 279 3.51 7.71 -11.49
CA CYS A 279 3.80 9.11 -11.76
C CYS A 279 3.92 9.35 -13.27
N ALA A 280 2.84 9.00 -13.98
CA ALA A 280 2.82 9.03 -15.45
C ALA A 280 3.13 10.41 -16.00
N ALA A 281 2.49 11.45 -15.48
CA ALA A 281 2.68 12.78 -16.08
C ALA A 281 4.12 13.27 -15.98
N PRO A 282 4.74 13.35 -14.80
CA PRO A 282 6.13 13.83 -14.79
C PRO A 282 7.12 12.87 -15.43
N MET A 283 6.92 11.56 -15.29
CA MET A 283 7.85 10.62 -15.91
C MET A 283 7.78 10.69 -17.43
N ASN A 284 6.55 10.69 -17.99
CA ASN A 284 6.43 10.79 -19.44
C ASN A 284 7.07 12.07 -19.96
N ARG A 285 6.83 13.19 -19.28
CA ARG A 285 7.39 14.46 -19.73
C ARG A 285 8.91 14.42 -19.71
N LEU A 286 9.50 13.87 -18.65
CA LEU A 286 10.94 13.79 -18.58
C LEU A 286 11.51 12.96 -19.72
N VAL A 287 10.89 11.83 -20.02
CA VAL A 287 11.39 10.93 -21.08
C VAL A 287 11.23 11.58 -22.45
N ILE A 288 10.05 12.14 -22.73
CA ILE A 288 9.81 12.76 -24.04
C ILE A 288 10.76 13.91 -24.27
N ASP A 289 10.89 14.80 -23.28
CA ASP A 289 11.81 15.93 -23.43
C ASP A 289 13.24 15.45 -23.67
N PHE A 290 13.69 14.44 -22.91
CA PHE A 290 15.07 14.02 -23.03
C PHE A 290 15.35 13.43 -24.41
N LEU A 291 14.42 12.61 -24.91
CA LEU A 291 14.62 12.00 -26.22
C LEU A 291 14.42 12.98 -27.35
N SER A 292 13.66 14.06 -27.12
CA SER A 292 13.40 15.03 -28.17
C SER A 292 14.51 16.04 -28.36
N ARG A 293 15.55 16.03 -27.52
CA ARG A 293 16.77 16.75 -27.86
C ARG A 293 17.38 16.07 -29.09
N GLY A 294 17.38 16.76 -30.23
CA GLY A 294 17.89 16.16 -31.45
C GLY A 294 16.79 15.69 -32.38
N ARG A 295 17.20 14.89 -33.37
CA ARG A 295 16.32 14.54 -34.48
C ARG A 295 15.24 13.54 -34.06
N HIS A 296 13.99 13.88 -34.36
CA HIS A 296 12.85 13.01 -34.08
C HIS A 296 11.74 13.25 -35.10
N ALA B 1 -1.99 -36.08 22.62
CA ALA B 1 -1.05 -36.66 21.66
C ALA B 1 0.21 -35.80 21.57
N GLU B 2 1.35 -36.40 21.90
CA GLU B 2 2.61 -35.68 21.82
C GLU B 2 3.02 -35.50 20.37
N GLU B 3 3.52 -34.30 20.06
CA GLU B 3 4.07 -34.08 18.72
C GLU B 3 5.41 -34.75 18.54
N PHE B 4 6.19 -34.92 19.61
CA PHE B 4 7.51 -35.52 19.54
C PHE B 4 7.69 -36.49 20.70
N PRO B 5 8.46 -37.56 20.50
CA PRO B 5 8.58 -38.58 21.56
C PRO B 5 9.40 -38.06 22.74
N VAL B 6 8.90 -38.30 23.94
CA VAL B 6 9.56 -37.83 25.16
C VAL B 6 10.63 -38.85 25.56
N PRO B 7 11.84 -38.42 25.92
CA PRO B 7 12.86 -39.40 26.36
C PRO B 7 12.51 -40.01 27.71
N ASN B 8 13.05 -41.21 27.93
CA ASN B 8 12.82 -41.89 29.21
C ASN B 8 13.31 -41.04 30.37
N GLY B 9 12.55 -41.05 31.46
CA GLY B 9 12.85 -40.24 32.62
C GLY B 9 12.40 -38.80 32.52
N PHE B 10 11.79 -38.39 31.41
CA PHE B 10 11.27 -37.05 31.25
C PHE B 10 9.75 -37.06 31.22
N GLU B 11 9.15 -35.91 31.51
CA GLU B 11 7.72 -35.77 31.45
C GLU B 11 7.36 -34.58 30.56
N SER B 12 6.32 -34.77 29.75
CA SER B 12 5.69 -33.68 29.02
C SER B 12 4.57 -33.10 29.87
N ALA B 13 4.60 -31.78 30.10
CA ALA B 13 3.69 -31.16 31.05
C ALA B 13 3.38 -29.74 30.60
N TYR B 14 2.49 -29.08 31.35
CA TYR B 14 2.05 -27.72 31.01
C TYR B 14 1.99 -26.88 32.28
N ARG B 15 2.33 -25.61 32.14
CA ARG B 15 2.11 -24.62 33.19
C ARG B 15 1.45 -23.39 32.61
N GLU B 16 0.52 -22.82 33.37
CA GLU B 16 -0.08 -21.54 33.00
C GLU B 16 0.81 -20.41 33.48
N VAL B 17 1.18 -19.51 32.55
CA VAL B 17 1.99 -18.35 32.87
C VAL B 17 1.29 -17.13 32.28
N ASP B 18 0.86 -16.22 33.15
CA ASP B 18 0.14 -15.03 32.70
C ASP B 18 -0.98 -15.38 31.73
N GLY B 19 -1.73 -16.42 32.07
CA GLY B 19 -2.88 -16.80 31.28
C GLY B 19 -2.57 -17.52 29.99
N VAL B 20 -1.31 -17.89 29.76
CA VAL B 20 -0.89 -18.60 28.56
C VAL B 20 -0.40 -19.98 29.00
N LYS B 21 -0.94 -21.03 28.37
CA LYS B 21 -0.60 -22.41 28.74
C LYS B 21 0.64 -22.84 27.97
N LEU B 22 1.77 -22.91 28.68
CA LEU B 22 3.05 -23.27 28.07
C LEU B 22 3.32 -24.76 28.20
N HIS B 23 3.77 -25.37 27.11
CA HIS B 23 4.20 -26.75 27.12
C HIS B 23 5.71 -26.85 27.35
N TYR B 24 6.13 -27.87 28.08
CA TYR B 24 7.56 -28.10 28.27
C TYR B 24 7.80 -29.58 28.49
N VAL B 25 9.08 -29.97 28.40
CA VAL B 25 9.52 -31.31 28.74
C VAL B 25 10.60 -31.18 29.80
N LYS B 26 10.45 -31.94 30.90
CA LYS B 26 11.25 -31.74 32.09
C LYS B 26 11.71 -33.08 32.66
N GLY B 27 12.97 -33.10 33.12
CA GLY B 27 13.54 -34.26 33.77
C GLY B 27 14.79 -33.86 34.51
N GLY B 28 15.30 -34.82 35.30
CA GLY B 28 16.53 -34.64 36.04
C GLY B 28 16.33 -34.09 37.44
N GLN B 29 17.44 -33.93 38.15
CA GLN B 29 17.46 -33.30 39.46
C GLN B 29 18.71 -32.47 39.60
N GLY B 30 18.65 -31.46 40.47
CA GLY B 30 19.73 -30.52 40.64
C GLY B 30 19.33 -29.12 40.22
N PRO B 31 20.29 -28.21 40.11
CA PRO B 31 19.97 -26.85 39.66
C PRO B 31 19.34 -26.87 38.27
N LEU B 32 18.53 -25.85 37.99
CA LEU B 32 17.74 -25.81 36.76
C LEU B 32 18.56 -25.31 35.57
N VAL B 33 18.41 -25.99 34.43
CA VAL B 33 18.86 -25.49 33.13
C VAL B 33 17.65 -25.42 32.22
N MET B 34 17.41 -24.25 31.63
CA MET B 34 16.34 -24.08 30.65
C MET B 34 16.93 -23.99 29.26
N LEU B 35 16.42 -24.81 28.34
CA LEU B 35 16.87 -24.90 26.95
C LEU B 35 15.77 -24.35 26.06
N VAL B 36 16.07 -23.32 25.26
CA VAL B 36 15.05 -22.61 24.49
C VAL B 36 15.35 -22.74 23.00
N HIS B 37 14.43 -23.37 22.28
CA HIS B 37 14.57 -23.68 20.86
C HIS B 37 14.34 -22.45 19.99
N GLY B 38 14.51 -22.65 18.67
CA GLY B 38 14.38 -21.57 17.73
C GLY B 38 13.39 -21.85 16.60
N PHE B 39 13.48 -21.07 15.52
CA PHE B 39 12.50 -21.13 14.45
C PHE B 39 12.57 -22.46 13.71
N GLY B 40 11.41 -22.97 13.30
CA GLY B 40 11.32 -24.23 12.59
C GLY B 40 11.29 -25.44 13.47
N GLN B 41 11.51 -25.27 14.77
CA GLN B 41 11.73 -26.40 15.66
C GLN B 41 10.91 -26.20 16.92
N THR B 42 11.12 -27.11 17.87
CA THR B 42 10.39 -27.16 19.14
C THR B 42 11.39 -27.59 20.21
N TRP B 43 10.87 -27.93 21.39
CA TRP B 43 11.71 -28.47 22.46
C TRP B 43 12.55 -29.64 21.97
N TYR B 44 12.05 -30.39 20.97
CA TYR B 44 12.66 -31.64 20.55
C TYR B 44 14.07 -31.49 20.00
N GLU B 45 14.45 -30.30 19.52
CA GLU B 45 15.83 -30.17 19.05
C GLU B 45 16.82 -30.44 20.17
N TRP B 46 16.39 -30.34 21.44
CA TRP B 46 17.26 -30.59 22.58
C TRP B 46 17.21 -32.04 23.08
N HIS B 47 16.51 -32.95 22.39
CA HIS B 47 16.21 -34.23 23.00
C HIS B 47 17.45 -35.11 23.17
N GLN B 48 18.53 -34.86 22.44
CA GLN B 48 19.74 -35.63 22.70
C GLN B 48 20.58 -35.04 23.83
N LEU B 49 20.59 -33.72 23.97
CA LEU B 49 21.33 -33.08 25.05
C LEU B 49 20.66 -33.32 26.40
N MET B 50 19.32 -33.36 26.41
CA MET B 50 18.57 -33.39 27.68
C MET B 50 18.96 -34.54 28.59
N PRO B 51 19.01 -35.82 28.15
CA PRO B 51 19.34 -36.89 29.09
C PRO B 51 20.75 -36.77 29.66
N GLU B 52 21.71 -36.26 28.88
CA GLU B 52 23.06 -36.07 29.38
C GLU B 52 23.10 -34.98 30.44
N LEU B 53 22.44 -33.85 30.19
CA LEU B 53 22.39 -32.79 31.19
C LEU B 53 21.62 -33.23 32.43
N ALA B 54 20.61 -34.09 32.25
CA ALA B 54 19.77 -34.50 33.37
C ALA B 54 20.52 -35.36 34.38
N LYS B 55 21.75 -35.78 34.06
CA LYS B 55 22.57 -36.47 35.03
C LYS B 55 23.06 -35.54 36.14
N ARG B 56 23.08 -34.23 35.89
CA ARG B 56 23.62 -33.26 36.84
C ARG B 56 22.68 -32.11 37.16
N PHE B 57 21.64 -31.90 36.35
CA PHE B 57 20.77 -30.74 36.47
C PHE B 57 19.32 -31.18 36.33
N THR B 58 18.42 -30.34 36.84
CA THR B 58 17.03 -30.38 36.41
C THR B 58 16.95 -29.65 35.08
N VAL B 59 16.37 -30.30 34.06
CA VAL B 59 16.37 -29.77 32.70
C VAL B 59 14.93 -29.50 32.28
N ILE B 60 14.66 -28.28 31.80
CA ILE B 60 13.35 -27.95 31.26
C ILE B 60 13.53 -27.39 29.87
N ALA B 61 12.74 -27.89 28.92
CA ALA B 61 12.77 -27.44 27.53
C ALA B 61 11.36 -27.03 27.11
N PRO B 62 11.04 -25.74 27.16
CA PRO B 62 9.70 -25.30 26.78
C PRO B 62 9.55 -25.11 25.27
N ASP B 63 8.30 -25.22 24.80
CA ASP B 63 7.95 -24.72 23.48
C ASP B 63 7.67 -23.22 23.57
N LEU B 64 8.26 -22.47 22.64
CA LEU B 64 8.04 -21.04 22.59
C LEU B 64 6.55 -20.77 22.40
N PRO B 65 6.05 -19.66 22.95
CA PRO B 65 4.63 -19.35 22.80
C PRO B 65 4.17 -19.43 21.33
N GLY B 66 3.06 -20.15 21.12
CA GLY B 66 2.50 -20.32 19.80
C GLY B 66 3.11 -21.45 19.00
N LEU B 67 4.28 -21.94 19.38
CA LEU B 67 4.98 -23.02 18.70
C LEU B 67 4.89 -24.31 19.50
N GLY B 68 5.21 -25.42 18.85
CA GLY B 68 5.02 -26.72 19.47
C GLY B 68 3.63 -26.84 20.04
N GLN B 69 3.54 -27.20 21.32
CA GLN B 69 2.25 -27.34 21.98
C GLN B 69 1.97 -26.20 22.96
N SER B 70 2.64 -25.05 22.81
CA SER B 70 2.40 -23.91 23.68
C SER B 70 1.37 -22.97 23.06
N GLU B 71 0.50 -22.42 23.90
CA GLU B 71 -0.44 -21.43 23.43
C GLU B 71 0.29 -20.16 22.97
N PRO B 72 -0.30 -19.43 22.04
CA PRO B 72 0.24 -18.12 21.63
C PRO B 72 0.32 -17.17 22.82
N PRO B 73 1.21 -16.20 22.76
CA PRO B 73 1.22 -15.16 23.80
C PRO B 73 -0.02 -14.31 23.72
N LYS B 74 -0.44 -13.82 24.89
CA LYS B 74 -1.56 -12.90 24.95
C LYS B 74 -1.12 -11.44 24.98
N THR B 75 0.17 -11.17 25.17
CA THR B 75 0.70 -9.82 25.07
C THR B 75 1.22 -9.52 23.66
N GLY B 76 2.26 -10.22 23.24
CA GLY B 76 2.80 -9.99 21.91
C GLY B 76 4.05 -10.82 21.72
N TYR B 77 4.65 -10.68 20.54
CA TYR B 77 5.78 -11.52 20.13
C TYR B 77 7.12 -10.82 20.18
N SER B 78 7.18 -9.59 20.69
CA SER B 78 8.48 -8.94 20.87
C SER B 78 9.30 -9.66 21.94
N GLY B 79 10.60 -9.46 21.89
CA GLY B 79 11.49 -10.17 22.80
C GLY B 79 11.21 -9.87 24.26
N GLU B 80 10.91 -8.61 24.57
CA GLU B 80 10.61 -8.27 25.95
C GLU B 80 9.29 -8.89 26.42
N GLN B 81 8.32 -9.01 25.52
CA GLN B 81 7.06 -9.62 25.91
C GLN B 81 7.19 -11.13 26.08
N VAL B 82 7.86 -11.79 25.13
CA VAL B 82 7.98 -13.23 25.22
C VAL B 82 8.87 -13.62 26.38
N ALA B 83 9.92 -12.84 26.63
CA ALA B 83 10.86 -13.19 27.68
C ALA B 83 10.20 -13.23 29.05
N VAL B 84 9.13 -12.45 29.24
CA VAL B 84 8.40 -12.52 30.51
C VAL B 84 7.89 -13.94 30.75
N TYR B 85 7.27 -14.54 29.73
CA TYR B 85 6.72 -15.89 29.89
C TYR B 85 7.82 -16.88 30.26
N LEU B 86 8.97 -16.79 29.59
CA LEU B 86 10.04 -17.77 29.82
C LEU B 86 10.70 -17.54 31.17
N HIS B 87 10.88 -16.29 31.57
CA HIS B 87 11.40 -15.99 32.91
C HIS B 87 10.48 -16.53 33.99
N LYS B 88 9.17 -16.22 33.90
CA LYS B 88 8.26 -16.68 34.94
C LYS B 88 8.13 -18.19 34.96
N LEU B 89 8.18 -18.84 33.79
CA LEU B 89 8.15 -20.31 33.78
C LEU B 89 9.35 -20.87 34.53
N ALA B 90 10.55 -20.38 34.23
CA ALA B 90 11.76 -20.87 34.91
C ALA B 90 11.67 -20.63 36.42
N ARG B 91 11.12 -19.49 36.82
CA ARG B 91 11.07 -19.18 38.25
C ARG B 91 10.06 -20.05 38.99
N GLN B 92 9.03 -20.56 38.30
CA GLN B 92 8.16 -21.56 38.94
C GLN B 92 8.94 -22.78 39.40
N PHE B 93 10.02 -23.13 38.71
CA PHE B 93 10.78 -24.32 39.07
C PHE B 93 12.10 -24.02 39.78
N SER B 94 12.60 -22.80 39.69
CA SER B 94 13.83 -22.42 40.40
C SER B 94 13.62 -21.07 41.10
N PRO B 95 12.69 -21.01 42.05
CA PRO B 95 12.39 -19.71 42.68
C PRO B 95 13.48 -19.20 43.59
N ASP B 96 14.36 -20.07 44.10
CA ASP B 96 15.27 -19.71 45.18
C ASP B 96 16.73 -19.65 44.76
N ARG B 97 17.06 -19.98 43.52
CA ARG B 97 18.45 -19.91 43.10
C ARG B 97 18.51 -19.57 41.62
N PRO B 98 19.62 -19.01 41.15
CA PRO B 98 19.72 -18.72 39.72
C PRO B 98 19.72 -19.99 38.89
N PHE B 99 19.29 -19.86 37.64
CA PHE B 99 19.23 -20.98 36.73
C PHE B 99 20.08 -20.71 35.50
N ASP B 100 20.47 -21.77 34.82
CA ASP B 100 21.22 -21.68 33.58
C ASP B 100 20.28 -21.59 32.40
N LEU B 101 20.78 -20.96 31.32
CA LEU B 101 19.98 -20.73 30.13
C LEU B 101 20.81 -21.08 28.91
N VAL B 102 20.23 -21.91 28.04
CA VAL B 102 20.79 -22.26 26.74
C VAL B 102 19.74 -21.91 25.70
N ALA B 103 20.13 -21.13 24.68
CA ALA B 103 19.16 -20.70 23.67
C ALA B 103 19.78 -20.75 22.28
N HIS B 104 18.92 -21.04 21.30
CA HIS B 104 19.30 -21.27 19.90
C HIS B 104 18.40 -20.42 19.01
N ASP B 105 18.99 -19.74 18.04
CA ASP B 105 18.22 -19.00 17.01
C ASP B 105 17.30 -18.00 17.73
N ILE B 106 16.00 -17.93 17.43
CA ILE B 106 15.16 -16.91 18.06
C ILE B 106 14.91 -17.18 19.54
N GLY B 107 15.33 -18.34 20.05
CA GLY B 107 15.40 -18.50 21.50
C GLY B 107 16.20 -17.40 22.16
N ILE B 108 17.24 -16.91 21.47
CA ILE B 108 18.04 -15.78 21.96
C ILE B 108 17.20 -14.52 22.03
N TRP B 109 16.49 -14.21 20.94
CA TRP B 109 15.65 -13.01 20.89
C TRP B 109 14.65 -13.00 22.04
N ASN B 110 14.11 -14.16 22.36
CA ASN B 110 13.05 -14.33 23.33
C ASN B 110 13.56 -14.51 24.76
N THR B 111 14.88 -14.49 24.98
CA THR B 111 15.39 -14.57 26.34
C THR B 111 16.31 -13.42 26.72
N TYR B 112 16.98 -12.79 25.77
CA TYR B 112 17.94 -11.74 26.12
C TYR B 112 17.35 -10.67 27.02
N PRO B 113 16.12 -10.16 26.78
CA PRO B 113 15.61 -9.14 27.70
C PRO B 113 15.46 -9.61 29.14
N MET B 114 15.04 -10.85 29.36
CA MET B 114 14.89 -11.24 30.76
C MET B 114 16.24 -11.57 31.41
N VAL B 115 17.24 -11.94 30.62
CA VAL B 115 18.59 -12.10 31.18
C VAL B 115 19.13 -10.76 31.64
N VAL B 116 19.07 -9.75 30.78
CA VAL B 116 19.67 -8.47 31.14
C VAL B 116 18.89 -7.80 32.27
N LYS B 117 17.59 -8.02 32.35
CA LYS B 117 16.78 -7.38 33.39
C LYS B 117 16.74 -8.16 34.71
N ASN B 118 17.16 -9.42 34.71
CA ASN B 118 17.10 -10.25 35.93
C ASN B 118 18.41 -11.03 36.08
N GLN B 119 19.54 -10.29 36.11
CA GLN B 119 20.84 -10.94 36.04
C GLN B 119 21.11 -11.83 37.26
N ALA B 120 20.59 -11.45 38.43
CA ALA B 120 20.78 -12.30 39.60
C ALA B 120 20.11 -13.66 39.43
N ASP B 121 19.18 -13.80 38.49
CA ASP B 121 18.48 -15.06 38.27
C ASP B 121 19.20 -15.98 37.29
N ILE B 122 20.23 -15.50 36.62
CA ILE B 122 20.89 -16.26 35.55
C ILE B 122 22.27 -16.64 36.04
N ALA B 123 22.50 -17.94 36.24
CA ALA B 123 23.82 -18.36 36.70
C ALA B 123 24.83 -18.36 35.55
N ARG B 124 24.55 -19.13 34.50
N ARG B 124 24.54 -19.13 34.50
CA ARG B 124 25.42 -19.20 33.33
CA ARG B 124 25.40 -19.20 33.32
C ARG B 124 24.56 -19.22 32.07
C ARG B 124 24.54 -19.16 32.08
N LEU B 125 25.12 -18.68 30.98
CA LEU B 125 24.38 -18.41 29.75
C LEU B 125 25.10 -19.00 28.54
N VAL B 126 24.35 -19.70 27.70
CA VAL B 126 24.90 -20.26 26.46
C VAL B 126 24.00 -19.81 25.31
N TYR B 127 24.57 -19.09 24.36
CA TYR B 127 23.83 -18.58 23.21
C TYR B 127 24.44 -19.16 21.94
N MET B 128 23.61 -19.68 21.03
CA MET B 128 24.14 -20.25 19.80
C MET B 128 23.29 -19.86 18.59
N GLN B 129 23.96 -19.44 17.52
CA GLN B 129 23.39 -19.32 16.17
C GLN B 129 22.18 -18.38 16.13
N ALA B 130 22.41 -17.14 16.59
CA ALA B 130 21.52 -16.04 16.22
C ALA B 130 22.10 -14.72 16.72
N PRO B 131 21.94 -13.63 15.97
CA PRO B 131 22.32 -12.33 16.51
C PRO B 131 21.33 -11.93 17.59
N ILE B 132 21.86 -11.33 18.65
CA ILE B 132 20.96 -10.55 19.50
C ILE B 132 20.38 -9.42 18.65
N PRO B 133 19.07 -9.16 18.70
CA PRO B 133 18.51 -8.10 17.83
C PRO B 133 19.09 -6.74 18.16
N ASP B 134 19.86 -6.17 17.24
CA ASP B 134 20.38 -4.83 17.41
C ASP B 134 20.72 -4.28 16.03
N ALA B 135 21.33 -3.10 16.00
CA ALA B 135 21.53 -2.41 14.73
C ALA B 135 22.45 -3.19 13.79
N ARG B 136 23.24 -4.13 14.31
CA ARG B 136 24.11 -4.91 13.43
C ARG B 136 23.33 -5.69 12.38
N ILE B 137 22.09 -6.09 12.69
CA ILE B 137 21.34 -6.88 11.71
C ILE B 137 21.00 -6.06 10.47
N TYR B 138 21.06 -4.74 10.55
CA TYR B 138 20.70 -3.89 9.41
C TYR B 138 21.81 -3.81 8.38
N ARG B 139 22.93 -4.49 8.62
CA ARG B 139 24.04 -4.51 7.68
C ARG B 139 24.15 -5.84 6.93
N PHE B 140 23.47 -6.89 7.40
CA PHE B 140 23.58 -8.20 6.76
C PHE B 140 23.13 -8.10 5.30
N PRO B 141 23.94 -8.51 4.33
CA PRO B 141 23.54 -8.37 2.92
C PRO B 141 22.38 -9.27 2.52
N ALA B 142 21.55 -8.72 1.62
CA ALA B 142 20.38 -9.44 1.10
C ALA B 142 20.75 -10.58 0.18
N PHE B 143 21.86 -10.46 -0.54
CA PHE B 143 22.19 -11.34 -1.65
C PHE B 143 23.69 -11.49 -1.71
N THR B 144 24.17 -12.69 -2.02
CA THR B 144 25.60 -12.98 -1.99
C THR B 144 26.08 -13.41 -3.37
N ALA B 145 27.40 -13.29 -3.57
CA ALA B 145 28.00 -13.72 -4.83
C ALA B 145 27.90 -15.23 -5.05
N GLN B 146 27.39 -15.98 -4.08
CA GLN B 146 27.13 -17.41 -4.23
C GLN B 146 25.64 -17.72 -4.40
N GLY B 147 24.77 -16.73 -4.33
CA GLY B 147 23.34 -16.96 -4.36
C GLY B 147 22.66 -16.43 -3.12
N GLU B 148 21.58 -17.12 -2.71
CA GLU B 148 20.77 -16.65 -1.60
C GLU B 148 21.60 -16.53 -0.32
N SER B 149 21.30 -15.49 0.46
CA SER B 149 21.96 -15.22 1.72
C SER B 149 21.28 -15.99 2.84
N LEU B 150 21.89 -15.96 4.02
CA LEU B 150 21.32 -16.65 5.18
C LEU B 150 20.26 -15.84 5.89
N VAL B 151 20.05 -14.58 5.49
CA VAL B 151 19.28 -13.64 6.29
C VAL B 151 18.07 -13.09 5.56
N TRP B 152 17.85 -13.40 4.28
CA TRP B 152 16.73 -12.79 3.57
C TRP B 152 15.40 -13.22 4.16
N HIS B 153 15.39 -14.34 4.89
CA HIS B 153 14.15 -14.76 5.55
C HIS B 153 13.68 -13.75 6.59
N PHE B 154 14.56 -12.89 7.13
CA PHE B 154 14.09 -11.83 8.02
C PHE B 154 12.96 -11.04 7.35
N SER B 155 13.19 -10.66 6.10
CA SER B 155 12.22 -9.81 5.39
C SER B 155 11.03 -10.63 4.87
N PHE B 156 11.28 -11.85 4.40
CA PHE B 156 10.18 -12.72 3.98
C PHE B 156 9.18 -12.91 5.11
N PHE B 157 9.69 -13.24 6.30
CA PHE B 157 8.83 -13.55 7.43
C PHE B 157 8.19 -12.29 8.03
N ALA B 158 8.88 -11.14 7.98
CA ALA B 158 8.31 -9.91 8.54
C ALA B 158 7.32 -9.21 7.62
N ALA B 159 7.26 -9.57 6.34
CA ALA B 159 6.37 -8.91 5.40
C ALA B 159 4.91 -9.00 5.86
N ASP B 160 4.12 -7.99 5.49
CA ASP B 160 2.71 -8.03 5.85
C ASP B 160 1.90 -8.86 4.87
N ASP B 161 0.58 -8.64 4.85
CA ASP B 161 -0.36 -9.41 4.04
C ASP B 161 -0.31 -10.92 4.34
N ARG B 162 0.18 -11.31 5.51
CA ARG B 162 0.45 -12.72 5.81
C ARG B 162 1.16 -13.38 4.64
N LEU B 163 2.16 -12.68 4.10
CA LEU B 163 2.85 -13.17 2.90
C LEU B 163 3.38 -14.59 3.11
N ALA B 164 4.09 -14.81 4.20
CA ALA B 164 4.72 -16.11 4.43
C ALA B 164 3.68 -17.20 4.66
N GLU B 165 2.68 -16.98 5.53
CA GLU B 165 1.64 -17.98 5.75
C GLU B 165 0.91 -18.31 4.46
N THR B 166 0.65 -17.29 3.63
CA THR B 166 -0.15 -17.52 2.44
C THR B 166 0.62 -18.33 1.42
N LEU B 167 1.91 -18.03 1.24
CA LEU B 167 2.69 -18.78 0.27
C LEU B 167 3.08 -20.16 0.79
N ILE B 168 3.29 -20.30 2.10
CA ILE B 168 3.78 -21.57 2.61
C ILE B 168 2.68 -22.58 2.89
N ALA B 169 1.44 -22.13 3.13
CA ALA B 169 0.35 -23.05 3.41
C ALA B 169 0.19 -24.06 2.26
N GLY B 170 0.05 -25.34 2.63
CA GLY B 170 0.01 -26.43 1.67
C GLY B 170 1.36 -26.90 1.19
N LYS B 171 2.44 -26.19 1.55
CA LYS B 171 3.80 -26.52 1.16
C LYS B 171 4.71 -26.47 2.38
N GLU B 172 4.15 -26.73 3.58
CA GLU B 172 4.93 -26.54 4.80
C GLU B 172 6.10 -27.52 4.86
N ARG B 173 5.87 -28.77 4.45
CA ARG B 173 6.92 -29.76 4.49
C ARG B 173 8.02 -29.45 3.49
N PHE B 174 7.63 -29.06 2.27
CA PHE B 174 8.59 -28.63 1.27
C PHE B 174 9.42 -27.45 1.78
N PHE B 175 8.76 -26.45 2.37
CA PHE B 175 9.51 -25.27 2.74
C PHE B 175 10.46 -25.56 3.89
N LEU B 176 10.02 -26.39 4.84
CA LEU B 176 10.86 -26.70 6.00
C LEU B 176 12.11 -27.46 5.57
N GLU B 177 11.97 -28.44 4.68
CA GLU B 177 13.16 -29.11 4.18
C GLU B 177 14.08 -28.13 3.49
N HIS B 178 13.52 -27.17 2.75
CA HIS B 178 14.36 -26.21 2.06
C HIS B 178 15.16 -25.35 3.04
N PHE B 179 14.50 -24.77 4.06
CA PHE B 179 15.28 -23.86 4.89
C PHE B 179 16.15 -24.60 5.88
N ILE B 180 15.78 -25.84 6.25
CA ILE B 180 16.71 -26.65 7.03
C ILE B 180 17.99 -26.86 6.23
N LYS B 181 17.86 -27.34 5.00
CA LYS B 181 19.06 -27.69 4.25
C LYS B 181 19.82 -26.45 3.76
N SER B 182 19.13 -25.32 3.51
CA SER B 182 19.86 -24.12 3.11
C SER B 182 20.65 -23.50 4.26
N HIS B 183 20.35 -23.88 5.49
CA HIS B 183 21.12 -23.41 6.63
C HIS B 183 21.95 -24.51 7.27
N ALA B 184 22.07 -25.68 6.63
CA ALA B 184 22.79 -26.81 7.17
C ALA B 184 24.12 -27.06 6.46
N SER B 185 25.07 -27.60 7.21
CA SER B 185 26.26 -28.22 6.61
CA SER B 185 26.26 -28.22 6.62
C SER B 185 26.07 -29.72 6.47
N ASN B 186 25.47 -30.36 7.47
CA ASN B 186 25.29 -31.80 7.54
C ASN B 186 23.78 -32.10 7.45
N THR B 187 23.29 -32.33 6.24
CA THR B 187 21.85 -32.60 6.09
C THR B 187 21.48 -34.04 6.41
N GLU B 188 22.45 -34.95 6.45
CA GLU B 188 22.13 -36.36 6.65
C GLU B 188 21.51 -36.63 8.03
N VAL B 189 21.66 -35.72 8.99
CA VAL B 189 21.08 -35.93 10.32
C VAL B 189 19.58 -35.71 10.35
N PHE B 190 18.99 -35.17 9.27
CA PHE B 190 17.55 -34.87 9.21
C PHE B 190 16.88 -35.97 8.39
N SER B 191 16.42 -36.99 9.10
CA SER B 191 15.65 -38.07 8.49
C SER B 191 14.31 -37.57 7.96
N GLU B 192 13.73 -38.36 7.07
CA GLU B 192 12.39 -38.04 6.59
C GLU B 192 11.39 -37.98 7.74
N ARG B 193 11.55 -38.87 8.73
N ARG B 193 11.55 -38.87 8.71
CA ARG B 193 10.64 -38.86 9.87
CA ARG B 193 10.66 -38.88 9.88
C ARG B 193 10.80 -37.60 10.70
C ARG B 193 10.80 -37.59 10.67
N LEU B 194 12.04 -37.16 10.93
CA LEU B 194 12.25 -35.95 11.72
C LEU B 194 11.70 -34.73 11.00
N LEU B 195 11.93 -34.63 9.69
CA LEU B 195 11.37 -33.50 8.96
C LEU B 195 9.84 -33.55 8.96
N ASP B 196 9.27 -34.77 8.89
CA ASP B 196 7.83 -34.91 8.99
C ASP B 196 7.31 -34.35 10.31
N LEU B 197 7.99 -34.67 11.42
CA LEU B 197 7.53 -34.23 12.74
C LEU B 197 7.63 -32.71 12.88
N TYR B 198 8.75 -32.13 12.46
CA TYR B 198 8.86 -30.68 12.56
C TYR B 198 7.83 -29.99 11.67
N ALA B 199 7.59 -30.53 10.48
CA ALA B 199 6.65 -29.87 9.56
C ALA B 199 5.23 -29.94 10.10
N ARG B 200 4.80 -31.11 10.59
CA ARG B 200 3.46 -31.21 11.13
C ARG B 200 3.25 -30.24 12.29
N SER B 201 4.30 -30.01 13.09
CA SER B 201 4.15 -29.10 14.21
C SER B 201 3.95 -27.66 13.75
N TYR B 202 4.87 -27.14 12.92
CA TYR B 202 4.72 -25.72 12.61
C TYR B 202 3.66 -25.47 11.55
N ALA B 203 3.11 -26.53 10.92
CA ALA B 203 2.02 -26.34 9.97
C ALA B 203 0.68 -26.12 10.65
N LYS B 204 0.56 -26.38 11.95
CA LYS B 204 -0.63 -25.95 12.66
C LYS B 204 -0.86 -24.47 12.39
N PRO B 205 -2.05 -24.07 11.93
CA PRO B 205 -2.21 -22.67 11.48
C PRO B 205 -1.78 -21.63 12.51
N HIS B 206 -2.08 -21.81 13.80
CA HIS B 206 -1.64 -20.82 14.76
C HIS B 206 -0.13 -20.85 14.99
N SER B 207 0.52 -21.99 14.72
CA SER B 207 1.97 -22.10 14.86
C SER B 207 2.70 -21.55 13.64
N LEU B 208 2.15 -21.75 12.44
CA LEU B 208 2.72 -21.13 11.26
C LEU B 208 2.69 -19.62 11.39
N ASN B 209 1.57 -19.08 11.86
CA ASN B 209 1.49 -17.64 12.08
C ASN B 209 2.42 -17.20 13.20
N ALA B 210 2.40 -17.91 14.33
CA ALA B 210 3.28 -17.55 15.43
C ALA B 210 4.73 -17.49 14.98
N SER B 211 5.14 -18.46 14.14
CA SER B 211 6.51 -18.51 13.64
C SER B 211 6.92 -17.17 13.05
N PHE B 212 6.05 -16.58 12.24
CA PHE B 212 6.41 -15.35 11.54
C PHE B 212 6.14 -14.10 12.37
N GLU B 213 5.24 -14.16 13.36
CA GLU B 213 5.04 -13.00 14.21
C GLU B 213 6.29 -12.64 15.00
N TYR B 214 7.14 -13.62 15.32
CA TYR B 214 8.43 -13.29 15.93
C TYR B 214 9.23 -12.35 15.04
N TYR B 215 9.15 -12.54 13.72
CA TYR B 215 9.90 -11.67 12.80
C TYR B 215 9.17 -10.34 12.55
N ARG B 216 7.83 -10.36 12.56
CA ARG B 216 7.10 -9.10 12.47
C ARG B 216 7.35 -8.21 13.68
N ALA B 217 7.84 -8.78 14.79
CA ALA B 217 8.17 -7.98 15.95
C ALA B 217 9.66 -7.68 16.05
N LEU B 218 10.45 -8.06 15.04
CA LEU B 218 11.90 -7.97 15.17
C LEU B 218 12.40 -6.54 15.31
N ASN B 219 11.83 -5.60 14.54
CA ASN B 219 12.28 -4.22 14.66
C ASN B 219 11.92 -3.67 16.04
N GLU B 220 10.76 -4.05 16.55
CA GLU B 220 10.39 -3.63 17.90
C GLU B 220 11.36 -4.20 18.93
N SER B 221 11.78 -5.45 18.74
CA SER B 221 12.77 -6.05 19.63
C SER B 221 14.11 -5.32 19.55
N VAL B 222 14.55 -4.94 18.35
CA VAL B 222 15.76 -4.12 18.20
C VAL B 222 15.62 -2.82 18.99
N ARG B 223 14.47 -2.16 18.86
CA ARG B 223 14.28 -0.90 19.57
C ARG B 223 14.28 -1.11 21.08
N GLN B 224 13.62 -2.17 21.54
CA GLN B 224 13.65 -2.52 22.96
C GLN B 224 15.07 -2.73 23.45
N ASN B 225 15.86 -3.50 22.70
CA ASN B 225 17.19 -3.87 23.14
C ASN B 225 18.14 -2.68 23.14
N ALA B 226 17.84 -1.64 22.36
CA ALA B 226 18.71 -0.48 22.37
C ALA B 226 18.78 0.15 23.76
N GLU B 227 17.70 0.09 24.52
CA GLU B 227 17.73 0.60 25.90
C GLU B 227 18.28 -0.43 26.87
N LEU B 228 17.85 -1.68 26.73
CA LEU B 228 18.29 -2.73 27.65
C LEU B 228 19.81 -2.91 27.62
N ALA B 229 20.42 -2.77 26.43
CA ALA B 229 21.84 -3.03 26.27
C ALA B 229 22.73 -2.04 27.01
N LYS B 230 22.16 -0.98 27.60
CA LYS B 230 22.95 -0.06 28.41
C LYS B 230 23.53 -0.76 29.63
N THR B 231 22.97 -1.91 30.02
CA THR B 231 23.48 -2.71 31.13
C THR B 231 24.15 -3.95 30.54
N ARG B 232 25.47 -4.06 30.75
CA ARG B 232 26.19 -5.23 30.26
C ARG B 232 25.84 -6.45 31.10
N LEU B 233 26.03 -7.63 30.49
CA LEU B 233 25.83 -8.89 31.19
C LEU B 233 27.08 -9.28 31.96
N GLN B 234 26.89 -9.73 33.21
CA GLN B 234 28.00 -10.05 34.10
C GLN B 234 28.20 -11.55 34.34
N MET B 235 27.22 -12.39 34.03
CA MET B 235 27.35 -13.82 34.32
C MET B 235 28.28 -14.50 33.30
N PRO B 236 28.87 -15.64 33.66
CA PRO B 236 29.68 -16.38 32.68
C PRO B 236 28.83 -16.79 31.49
N THR B 237 29.34 -16.51 30.29
CA THR B 237 28.64 -16.74 29.03
CA THR B 237 28.62 -16.80 29.06
C THR B 237 29.53 -17.54 28.09
N MET B 238 28.90 -18.40 27.28
CA MET B 238 29.57 -19.09 26.20
C MET B 238 28.74 -18.95 24.94
N THR B 239 29.39 -18.64 23.83
CA THR B 239 28.73 -18.67 22.55
C THR B 239 29.23 -19.86 21.73
N LEU B 240 28.33 -20.39 20.90
CA LEU B 240 28.67 -21.41 19.92
C LEU B 240 28.14 -20.99 18.56
N ALA B 241 28.91 -21.28 17.53
CA ALA B 241 28.45 -21.01 16.17
C ALA B 241 29.05 -22.05 15.25
N GLY B 242 28.36 -22.33 14.16
CA GLY B 242 28.92 -23.21 13.15
C GLY B 242 29.93 -22.47 12.29
N GLY B 243 30.93 -23.22 11.83
CA GLY B 243 31.94 -22.69 10.94
C GLY B 243 31.71 -23.06 9.50
N GLY B 244 30.76 -23.97 9.25
CA GLY B 244 30.45 -24.41 7.91
C GLY B 244 29.28 -23.64 7.32
N HIS B 245 28.76 -24.18 6.22
CA HIS B 245 27.64 -23.55 5.53
C HIS B 245 26.44 -23.45 6.46
N GLY B 246 25.85 -22.25 6.53
CA GLY B 246 24.78 -21.97 7.49
C GLY B 246 25.25 -21.45 8.83
N GLY B 247 26.55 -21.53 9.12
CA GLY B 247 27.05 -21.08 10.41
C GLY B 247 27.32 -19.59 10.46
N MET B 248 27.25 -19.05 11.66
CA MET B 248 27.52 -17.63 11.85
C MET B 248 29.00 -17.31 12.03
N GLY B 249 29.86 -18.31 12.17
CA GLY B 249 31.28 -18.00 12.24
C GLY B 249 31.60 -17.12 13.43
N THR B 250 32.53 -16.18 13.23
CA THR B 250 32.99 -15.36 14.35
C THR B 250 31.96 -14.34 14.79
N PHE B 251 30.87 -14.14 14.05
CA PHE B 251 29.93 -13.07 14.41
C PHE B 251 29.36 -13.28 15.81
N GLN B 252 29.07 -14.54 16.17
CA GLN B 252 28.39 -14.81 17.44
C GLN B 252 29.21 -14.30 18.62
N LEU B 253 30.48 -14.69 18.70
CA LEU B 253 31.32 -14.24 19.82
C LEU B 253 31.62 -12.75 19.72
N GLU B 254 31.86 -12.25 18.52
CA GLU B 254 32.24 -10.84 18.39
C GLU B 254 31.10 -9.92 18.81
N GLN B 255 29.86 -10.26 18.43
CA GLN B 255 28.74 -9.48 18.93
C GLN B 255 28.61 -9.61 20.45
N MET B 256 28.71 -10.85 20.96
CA MET B 256 28.51 -11.05 22.40
C MET B 256 29.55 -10.30 23.24
N LYS B 257 30.76 -10.11 22.71
CA LYS B 257 31.76 -9.34 23.42
C LYS B 257 31.28 -7.93 23.74
N ALA B 258 30.39 -7.37 22.91
CA ALA B 258 29.86 -6.04 23.20
C ALA B 258 28.80 -6.07 24.29
N TYR B 259 28.24 -7.24 24.59
CA TYR B 259 27.17 -7.39 25.57
C TYR B 259 27.63 -7.99 26.91
N ALA B 260 28.71 -8.77 26.93
CA ALA B 260 29.03 -9.61 28.06
C ALA B 260 30.49 -9.42 28.45
N GLU B 261 30.73 -9.20 29.75
CA GLU B 261 32.06 -8.97 30.28
C GLU B 261 32.90 -10.25 30.35
N ASP B 262 32.24 -11.39 30.50
CA ASP B 262 32.89 -12.68 30.75
C ASP B 262 32.30 -13.66 29.74
N VAL B 263 32.95 -13.81 28.58
CA VAL B 263 32.42 -14.61 27.49
C VAL B 263 33.55 -15.39 26.82
N GLU B 264 33.28 -16.66 26.54
CA GLU B 264 34.14 -17.48 25.72
C GLU B 264 33.32 -17.95 24.53
N GLY B 265 33.99 -18.24 23.44
CA GLY B 265 33.29 -18.63 22.22
C GLY B 265 33.98 -19.79 21.56
N HIS B 266 33.19 -20.56 20.81
CA HIS B 266 33.72 -21.58 19.94
C HIS B 266 33.02 -21.51 18.59
N VAL B 267 33.80 -21.76 17.54
CA VAL B 267 33.28 -21.96 16.20
C VAL B 267 33.55 -23.41 15.81
N LEU B 268 32.49 -24.12 15.41
CA LEU B 268 32.59 -25.55 15.14
C LEU B 268 32.78 -25.78 13.65
N PRO B 269 33.99 -26.10 13.17
CA PRO B 269 34.16 -26.35 11.74
C PRO B 269 33.33 -27.55 11.32
N GLY B 270 32.85 -27.51 10.08
CA GLY B 270 32.07 -28.62 9.56
C GLY B 270 30.64 -28.69 10.03
N CYS B 271 30.15 -27.63 10.69
CA CYS B 271 28.80 -27.55 11.25
C CYS B 271 28.13 -26.29 10.77
N GLY B 272 26.83 -26.38 10.49
CA GLY B 272 26.07 -25.22 10.11
C GLY B 272 25.22 -24.64 11.23
N HIS B 273 23.95 -24.38 10.93
CA HIS B 273 23.09 -23.67 11.86
C HIS B 273 22.52 -24.57 12.95
N TRP B 274 22.20 -25.81 12.59
CA TRP B 274 21.35 -26.66 13.43
C TRP B 274 22.20 -27.47 14.41
N LEU B 275 22.96 -26.74 15.24
CA LEU B 275 24.05 -27.39 15.98
C LEU B 275 23.64 -28.58 16.84
N PRO B 276 22.51 -28.57 17.57
CA PRO B 276 22.17 -29.75 18.38
C PRO B 276 21.97 -30.99 17.53
N GLU B 277 21.62 -30.85 16.26
CA GLU B 277 21.41 -32.02 15.41
C GLU B 277 22.57 -32.28 14.46
N GLU B 278 23.11 -31.23 13.82
CA GLU B 278 24.23 -31.41 12.91
C GLU B 278 25.51 -31.81 13.61
N CYS B 279 25.71 -31.33 14.83
CA CYS B 279 26.97 -31.55 15.52
C CYS B 279 26.70 -31.81 16.99
N ALA B 280 25.86 -32.83 17.22
CA ALA B 280 25.31 -33.10 18.54
C ALA B 280 26.40 -33.41 19.56
N ALA B 281 27.33 -34.33 19.22
CA ALA B 281 28.28 -34.77 20.24
C ALA B 281 29.22 -33.66 20.68
N PRO B 282 29.89 -32.93 19.79
CA PRO B 282 30.76 -31.83 20.27
C PRO B 282 29.97 -30.66 20.86
N MET B 283 28.80 -30.33 20.30
CA MET B 283 27.98 -29.28 20.92
C MET B 283 27.59 -29.67 22.33
N ASN B 284 27.11 -30.91 22.52
CA ASN B 284 26.72 -31.33 23.86
C ASN B 284 27.90 -31.26 24.83
N ARG B 285 29.06 -31.72 24.39
CA ARG B 285 30.25 -31.72 25.25
C ARG B 285 30.56 -30.30 25.72
N LEU B 286 30.56 -29.34 24.79
CA LEU B 286 30.92 -27.99 25.16
C LEU B 286 29.90 -27.38 26.12
N VAL B 287 28.61 -27.63 25.89
CA VAL B 287 27.59 -27.13 26.81
C VAL B 287 27.70 -27.79 28.17
N ILE B 288 27.85 -29.12 28.20
CA ILE B 288 27.92 -29.83 29.48
C ILE B 288 29.12 -29.37 30.28
N ASP B 289 30.29 -29.31 29.64
CA ASP B 289 31.49 -28.88 30.35
C ASP B 289 31.36 -27.46 30.86
N PHE B 290 30.85 -26.56 30.02
CA PHE B 290 30.70 -25.16 30.44
C PHE B 290 29.76 -25.03 31.64
N LEU B 291 28.64 -25.73 31.61
CA LEU B 291 27.69 -25.62 32.72
C LEU B 291 28.18 -26.36 33.96
N SER B 292 29.06 -27.33 33.81
CA SER B 292 29.47 -28.17 34.94
C SER B 292 30.64 -27.62 35.72
N ARG B 293 31.34 -26.59 35.23
CA ARG B 293 32.42 -26.00 36.01
C ARG B 293 31.93 -25.64 37.42
N GLY B 294 32.44 -26.36 38.42
CA GLY B 294 31.93 -26.22 39.78
C GLY B 294 30.82 -27.20 40.09
N ALA C 1 -12.43 -7.90 30.00
CA ALA C 1 -11.89 -8.08 28.64
C ALA C 1 -11.26 -6.79 28.11
N GLU C 2 -10.05 -6.90 27.59
CA GLU C 2 -9.33 -5.76 27.05
C GLU C 2 -9.25 -5.88 25.54
N GLU C 3 -9.49 -4.77 24.84
CA GLU C 3 -9.41 -4.80 23.39
C GLU C 3 -7.97 -4.89 22.89
N PHE C 4 -7.00 -4.37 23.65
CA PHE C 4 -5.59 -4.31 23.27
C PHE C 4 -4.73 -4.65 24.47
N PRO C 5 -3.58 -5.28 24.25
CA PRO C 5 -2.75 -5.72 25.39
C PRO C 5 -2.05 -4.54 26.06
N VAL C 6 -2.15 -4.48 27.37
CA VAL C 6 -1.58 -3.41 28.17
C VAL C 6 -0.08 -3.64 28.31
N PRO C 7 0.78 -2.64 28.13
CA PRO C 7 2.21 -2.88 28.33
C PRO C 7 2.49 -3.22 29.78
N ASN C 8 3.58 -3.95 30.00
CA ASN C 8 3.96 -4.33 31.35
C ASN C 8 4.15 -3.10 32.22
N GLY C 9 3.60 -3.13 33.43
CA GLY C 9 3.70 -2.00 34.34
C GLY C 9 2.67 -0.92 34.13
N PHE C 10 1.75 -1.09 33.18
CA PHE C 10 0.66 -0.15 32.98
C PHE C 10 -0.64 -0.80 33.43
N GLU C 11 -1.64 0.03 33.75
CA GLU C 11 -2.95 -0.47 34.14
C GLU C 11 -4.01 0.07 33.21
N SER C 12 -5.00 -0.77 32.91
CA SER C 12 -6.19 -0.34 32.18
C SER C 12 -7.26 -0.02 33.22
N ALA C 13 -7.84 1.18 33.14
CA ALA C 13 -8.79 1.63 34.16
C ALA C 13 -9.83 2.51 33.50
N TYR C 14 -10.81 2.95 34.29
CA TYR C 14 -11.89 3.79 33.80
C TYR C 14 -12.09 4.95 34.76
N ARG C 15 -12.55 6.07 34.23
CA ARG C 15 -12.88 7.20 35.09
C ARG C 15 -14.12 7.88 34.53
N GLU C 16 -15.13 8.06 35.38
CA GLU C 16 -16.34 8.77 35.01
C GLU C 16 -16.04 10.27 35.01
N VAL C 17 -16.28 10.93 33.88
CA VAL C 17 -16.08 12.37 33.75
C VAL C 17 -17.35 12.96 33.18
N ASP C 18 -18.01 13.82 33.95
CA ASP C 18 -19.25 14.45 33.51
C ASP C 18 -20.23 13.40 32.99
N GLY C 19 -20.37 12.31 33.75
CA GLY C 19 -21.30 11.25 33.42
C GLY C 19 -20.88 10.34 32.28
N VAL C 20 -19.66 10.47 31.78
CA VAL C 20 -19.17 9.61 30.69
C VAL C 20 -18.01 8.78 31.21
N LYS C 21 -18.12 7.47 31.06
CA LYS C 21 -17.07 6.56 31.52
C LYS C 21 -15.98 6.47 30.45
N LEU C 22 -14.81 7.04 30.75
CA LEU C 22 -13.67 7.04 29.83
C LEU C 22 -12.70 5.92 30.18
N HIS C 23 -12.27 5.18 29.18
CA HIS C 23 -11.20 4.20 29.37
C HIS C 23 -9.84 4.87 29.16
N TYR C 24 -8.86 4.46 29.94
CA TYR C 24 -7.49 4.93 29.72
C TYR C 24 -6.52 3.84 30.14
N VAL C 25 -5.27 3.99 29.70
CA VAL C 25 -4.16 3.15 30.16
C VAL C 25 -3.11 4.07 30.75
N LYS C 26 -2.60 3.71 31.93
CA LYS C 26 -1.80 4.63 32.72
C LYS C 26 -0.60 3.90 33.33
N GLY C 27 0.54 4.57 33.36
CA GLY C 27 1.72 4.00 34.00
C GLY C 27 2.78 5.06 34.22
N GLY C 28 3.81 4.69 34.98
CA GLY C 28 4.92 5.57 35.23
C GLY C 28 4.72 6.50 36.41
N GLN C 29 5.72 7.36 36.60
CA GLN C 29 5.78 8.29 37.73
C GLN C 29 6.35 9.62 37.26
N GLY C 30 5.95 10.69 37.94
CA GLY C 30 6.44 12.03 37.62
C GLY C 30 5.36 12.89 37.01
N PRO C 31 5.74 14.01 36.39
CA PRO C 31 4.74 14.89 35.79
C PRO C 31 3.94 14.17 34.71
N LEU C 32 2.70 14.60 34.54
CA LEU C 32 1.75 13.89 33.68
C LEU C 32 1.93 14.25 32.21
N VAL C 33 1.90 13.23 31.34
CA VAL C 33 1.74 13.41 29.91
C VAL C 33 0.52 12.64 29.46
N MET C 34 -0.37 13.30 28.72
CA MET C 34 -1.55 12.66 28.15
C MET C 34 -1.36 12.52 26.64
N LEU C 35 -1.59 11.30 26.14
CA LEU C 35 -1.44 10.98 24.71
C LEU C 35 -2.83 10.68 24.15
N VAL C 36 -3.21 11.39 23.08
CA VAL C 36 -4.58 11.33 22.58
C VAL C 36 -4.57 10.84 21.13
N HIS C 37 -5.19 9.68 20.91
CA HIS C 37 -5.16 9.00 19.62
C HIS C 37 -6.11 9.66 18.61
N GLY C 38 -6.10 9.13 17.38
CA GLY C 38 -6.98 9.62 16.34
C GLY C 38 -7.90 8.59 15.71
N PHE C 39 -8.47 8.94 14.55
CA PHE C 39 -9.48 8.11 13.90
C PHE C 39 -8.91 6.77 13.45
N GLY C 40 -9.72 5.72 13.59
CA GLY C 40 -9.32 4.38 13.22
C GLY C 40 -8.51 3.65 14.26
N GLN C 41 -8.17 4.32 15.37
CA GLN C 41 -7.27 3.75 16.35
C GLN C 41 -7.80 4.02 17.75
N THR C 42 -6.96 3.71 18.73
CA THR C 42 -7.30 3.79 20.15
C THR C 42 -6.04 4.20 20.87
N TRP C 43 -6.07 4.12 22.21
CA TRP C 43 -4.87 4.37 22.99
C TRP C 43 -3.70 3.53 22.52
N TYR C 44 -3.98 2.37 21.93
CA TYR C 44 -2.94 1.39 21.60
C TYR C 44 -1.92 1.92 20.62
N GLU C 45 -2.25 2.93 19.81
CA GLU C 45 -1.23 3.45 18.90
C GLU C 45 -0.01 3.95 19.65
N TRP C 46 -0.16 4.31 20.93
CA TRP C 46 0.92 4.83 21.75
C TRP C 46 1.68 3.75 22.51
N HIS C 47 1.36 2.46 22.33
CA HIS C 47 1.86 1.47 23.29
C HIS C 47 3.37 1.24 23.20
N GLN C 48 4.01 1.62 22.09
CA GLN C 48 5.47 1.53 22.04
C GLN C 48 6.15 2.77 22.64
N LEU C 49 5.51 3.94 22.54
CA LEU C 49 6.07 5.15 23.14
C LEU C 49 5.85 5.20 24.65
N MET C 50 4.75 4.62 25.13
CA MET C 50 4.39 4.73 26.54
C MET C 50 5.46 4.22 27.51
N PRO C 51 6.02 3.01 27.35
CA PRO C 51 7.03 2.58 28.34
C PRO C 51 8.26 3.47 28.39
N GLU C 52 8.62 4.10 27.26
CA GLU C 52 9.79 4.95 27.24
C GLU C 52 9.52 6.26 27.98
N LEU C 53 8.35 6.86 27.74
CA LEU C 53 7.95 8.05 28.48
C LEU C 53 7.74 7.76 29.96
N ALA C 54 7.29 6.54 30.30
CA ALA C 54 7.02 6.20 31.70
C ALA C 54 8.28 6.20 32.55
N LYS C 55 9.46 6.14 31.94
CA LYS C 55 10.69 6.18 32.72
C LYS C 55 10.89 7.53 33.42
N ARG C 56 10.20 8.58 32.95
CA ARG C 56 10.35 9.90 33.54
C ARG C 56 9.04 10.66 33.71
N PHE C 57 7.92 10.15 33.21
CA PHE C 57 6.63 10.80 33.32
C PHE C 57 5.58 9.81 33.80
N THR C 58 4.53 10.34 34.41
CA THR C 58 3.28 9.61 34.49
C THR C 58 2.57 9.76 33.14
N VAL C 59 2.20 8.64 32.54
CA VAL C 59 1.64 8.64 31.19
C VAL C 59 0.20 8.12 31.26
N ILE C 60 -0.72 8.84 30.63
CA ILE C 60 -2.11 8.39 30.51
CA ILE C 60 -2.11 8.39 30.51
C ILE C 60 -2.50 8.48 29.05
N ALA C 61 -3.14 7.42 28.54
CA ALA C 61 -3.58 7.35 27.16
C ALA C 61 -5.05 6.98 27.16
N PRO C 62 -5.96 7.95 27.04
CA PRO C 62 -7.39 7.65 27.05
C PRO C 62 -7.89 7.22 25.69
N ASP C 63 -9.02 6.52 25.70
CA ASP C 63 -9.79 6.33 24.48
C ASP C 63 -10.74 7.50 24.31
N LEU C 64 -10.77 8.06 23.11
CA LEU C 64 -11.68 9.16 22.82
C LEU C 64 -13.11 8.73 23.06
N PRO C 65 -14.00 9.65 23.46
CA PRO C 65 -15.38 9.27 23.74
C PRO C 65 -16.02 8.53 22.58
N GLY C 66 -16.63 7.38 22.89
CA GLY C 66 -17.28 6.55 21.91
C GLY C 66 -16.38 5.56 21.22
N LEU C 67 -15.07 5.76 21.29
CA LEU C 67 -14.07 4.93 20.63
C LEU C 67 -13.35 4.07 21.66
N GLY C 68 -12.71 3.01 21.19
CA GLY C 68 -12.07 2.09 22.13
C GLY C 68 -13.08 1.61 23.14
N GLN C 69 -12.73 1.69 24.43
CA GLN C 69 -13.62 1.27 25.50
C GLN C 69 -14.24 2.44 26.27
N SER C 70 -14.22 3.64 25.68
CA SER C 70 -14.85 4.81 26.29
C SER C 70 -16.30 4.99 25.82
N GLU C 71 -17.15 5.39 26.75
CA GLU C 71 -18.54 5.69 26.43
C GLU C 71 -18.63 6.91 25.51
N PRO C 72 -19.68 6.99 24.70
CA PRO C 72 -19.89 8.18 23.87
C PRO C 72 -20.09 9.42 24.71
N PRO C 73 -19.81 10.60 24.17
CA PRO C 73 -20.06 11.84 24.90
C PRO C 73 -21.55 12.06 25.08
N LYS C 74 -21.90 12.73 26.19
CA LYS C 74 -23.28 13.13 26.44
C LYS C 74 -23.62 14.49 25.87
N THR C 75 -22.63 15.37 25.71
CA THR C 75 -22.88 16.70 25.17
C THR C 75 -22.88 16.66 23.64
N GLY C 76 -21.74 16.33 23.05
CA GLY C 76 -21.62 16.31 21.61
C GLY C 76 -20.20 15.98 21.22
N TYR C 77 -19.98 15.96 19.90
CA TYR C 77 -18.70 15.55 19.34
C TYR C 77 -17.88 16.70 18.79
N SER C 78 -18.31 17.95 18.95
CA SER C 78 -17.47 19.06 18.53
C SER C 78 -16.22 19.14 19.40
N GLY C 79 -15.20 19.82 18.87
CA GLY C 79 -13.92 19.88 19.56
C GLY C 79 -14.03 20.46 20.95
N GLU C 80 -14.78 21.56 21.09
CA GLU C 80 -14.89 22.18 22.41
C GLU C 80 -15.58 21.26 23.40
N GLN C 81 -16.61 20.53 22.94
CA GLN C 81 -17.34 19.64 23.84
C GLN C 81 -16.47 18.46 24.27
N VAL C 82 -15.78 17.83 23.32
CA VAL C 82 -14.98 16.67 23.69
C VAL C 82 -13.79 17.11 24.53
N ALA C 83 -13.27 18.32 24.30
CA ALA C 83 -12.08 18.77 25.03
C ALA C 83 -12.36 18.89 26.52
N VAL C 84 -13.61 19.19 26.90
CA VAL C 84 -13.95 19.26 28.32
C VAL C 84 -13.66 17.92 28.99
N TYR C 85 -14.08 16.83 28.37
CA TYR C 85 -13.86 15.51 28.96
C TYR C 85 -12.37 15.24 29.15
N LEU C 86 -11.58 15.51 28.10
CA LEU C 86 -10.15 15.19 28.16
C LEU C 86 -9.43 16.10 29.15
N HIS C 87 -9.79 17.37 29.20
CA HIS C 87 -9.17 18.29 30.16
C HIS C 87 -9.47 17.88 31.59
N LYS C 88 -10.74 17.55 31.88
CA LYS C 88 -11.07 17.15 33.25
C LYS C 88 -10.40 15.84 33.63
N LEU C 89 -10.34 14.89 32.70
CA LEU C 89 -9.64 13.63 32.97
C LEU C 89 -8.20 13.90 33.39
N ALA C 90 -7.46 14.66 32.59
CA ALA C 90 -6.07 14.95 32.92
C ALA C 90 -5.96 15.66 34.26
N ARG C 91 -6.83 16.63 34.50
CA ARG C 91 -6.74 17.38 35.75
C ARG C 91 -7.10 16.56 36.97
N GLN C 92 -7.79 15.43 36.82
CA GLN C 92 -7.99 14.54 37.96
CA GLN C 92 -7.98 14.55 37.97
C GLN C 92 -6.67 13.93 38.42
N PHE C 93 -5.75 13.69 37.49
CA PHE C 93 -4.46 13.11 37.80
C PHE C 93 -3.36 14.15 38.00
N SER C 94 -3.54 15.36 37.48
CA SER C 94 -2.59 16.46 37.67
C SER C 94 -3.34 17.71 38.09
N PRO C 95 -3.97 17.70 39.28
CA PRO C 95 -4.82 18.84 39.66
C PRO C 95 -4.04 20.08 40.06
N ASP C 96 -2.76 19.95 40.41
CA ASP C 96 -1.98 21.06 40.94
C ASP C 96 -0.81 21.47 40.06
N ARG C 97 -0.60 20.81 38.92
CA ARG C 97 0.55 21.08 38.07
C ARG C 97 0.11 21.02 36.62
N PRO C 98 0.73 21.81 35.74
CA PRO C 98 0.48 21.64 34.31
C PRO C 98 0.91 20.26 33.85
N PHE C 99 0.26 19.77 32.80
CA PHE C 99 0.60 18.50 32.16
C PHE C 99 1.01 18.73 30.72
N ASP C 100 1.67 17.72 30.13
CA ASP C 100 2.02 17.74 28.71
C ASP C 100 0.95 17.03 27.89
N LEU C 101 0.87 17.40 26.62
CA LEU C 101 -0.13 16.86 25.71
C LEU C 101 0.51 16.45 24.40
N VAL C 102 0.24 15.22 23.97
CA VAL C 102 0.57 14.71 22.66
C VAL C 102 -0.71 14.26 21.98
N ALA C 103 -0.95 14.69 20.74
CA ALA C 103 -2.17 14.31 20.06
C ALA C 103 -1.92 14.07 18.57
N HIS C 104 -2.69 13.11 18.03
CA HIS C 104 -2.55 12.62 16.66
C HIS C 104 -3.91 12.70 15.97
N ASP C 105 -3.96 13.26 14.76
CA ASP C 105 -5.18 13.17 13.92
C ASP C 105 -6.30 13.88 14.68
N ILE C 106 -7.50 13.29 14.83
CA ILE C 106 -8.59 14.04 15.46
C ILE C 106 -8.36 14.23 16.95
N GLY C 107 -7.33 13.60 17.53
CA GLY C 107 -6.89 14.00 18.87
C GLY C 107 -6.58 15.48 18.96
N ILE C 108 -6.10 16.09 17.87
CA ILE C 108 -5.85 17.52 17.83
C ILE C 108 -7.16 18.29 17.91
N TRP C 109 -8.14 17.88 17.10
CA TRP C 109 -9.44 18.56 17.11
C TRP C 109 -10.06 18.54 18.51
N ASN C 110 -9.86 17.44 19.22
CA ASN C 110 -10.51 17.21 20.50
C ASN C 110 -9.72 17.74 21.68
N THR C 111 -8.57 18.39 21.43
CA THR C 111 -7.80 18.96 22.52
C THR C 111 -7.51 20.44 22.32
N TYR C 112 -7.42 20.91 21.08
CA TYR C 112 -7.07 22.32 20.87
C TYR C 112 -7.92 23.27 21.70
N PRO C 113 -9.26 23.15 21.74
CA PRO C 113 -10.03 24.11 22.54
C PRO C 113 -9.65 24.12 24.01
N MET C 114 -9.35 22.98 24.62
CA MET C 114 -9.00 23.07 26.03
C MET C 114 -7.58 23.57 26.24
N VAL C 115 -6.70 23.43 25.24
CA VAL C 115 -5.38 24.03 25.35
C VAL C 115 -5.48 25.54 25.33
N VAL C 116 -6.27 26.10 24.41
CA VAL C 116 -6.32 27.55 24.32
C VAL C 116 -7.13 28.17 25.47
N LYS C 117 -8.12 27.44 26.01
CA LYS C 117 -8.90 27.99 27.12
C LYS C 117 -8.26 27.75 28.49
N ASN C 118 -7.24 26.91 28.58
CA ASN C 118 -6.58 26.60 29.85
C ASN C 118 -5.07 26.57 29.66
N GLN C 119 -4.50 27.65 29.12
CA GLN C 119 -3.10 27.61 28.71
C GLN C 119 -2.17 27.29 29.86
N ALA C 120 -2.48 27.76 31.07
CA ALA C 120 -1.61 27.52 32.21
C ALA C 120 -1.57 26.05 32.63
N ASP C 121 -2.56 25.24 32.21
CA ASP C 121 -2.59 23.83 32.53
C ASP C 121 -1.72 22.99 31.59
N ILE C 122 -1.22 23.57 30.50
CA ILE C 122 -0.52 22.82 29.46
C ILE C 122 0.94 23.25 29.49
N ALA C 123 1.82 22.36 29.95
CA ALA C 123 3.24 22.69 30.01
C ALA C 123 3.87 22.69 28.62
N ARG C 124 3.71 21.58 27.89
CA ARG C 124 4.29 21.41 26.55
C ARG C 124 3.31 20.66 25.66
N LEU C 125 3.33 20.95 24.37
CA LEU C 125 2.33 20.46 23.43
C LEU C 125 3.00 19.83 22.22
N VAL C 126 2.57 18.63 21.83
CA VAL C 126 3.03 17.98 20.60
C VAL C 126 1.82 17.59 19.76
N TYR C 127 1.76 18.09 18.53
CA TYR C 127 0.66 17.82 17.61
C TYR C 127 1.20 17.16 16.35
N MET C 128 0.54 16.11 15.87
CA MET C 128 1.01 15.42 14.66
C MET C 128 -0.15 15.00 13.77
N GLN C 129 -0.02 15.27 12.47
CA GLN C 129 -0.87 14.68 11.42
C GLN C 129 -2.35 14.99 11.62
N ALA C 130 -2.67 16.28 11.75
CA ALA C 130 -4.02 16.75 11.48
C ALA C 130 -4.02 18.27 11.41
N PRO C 131 -4.83 18.85 10.53
CA PRO C 131 -5.07 20.29 10.61
C PRO C 131 -5.91 20.63 11.82
N ILE C 132 -5.55 21.72 12.49
CA ILE C 132 -6.52 22.33 13.40
C ILE C 132 -7.73 22.75 12.58
N PRO C 133 -8.96 22.44 13.00
CA PRO C 133 -10.11 22.81 12.16
C PRO C 133 -10.23 24.32 12.03
N ASP C 134 -10.08 24.81 10.80
CA ASP C 134 -10.34 26.20 10.48
C ASP C 134 -10.66 26.28 8.99
N ALA C 135 -10.74 27.50 8.47
CA ALA C 135 -11.23 27.69 7.11
C ALA C 135 -10.30 27.10 6.05
N ARG C 136 -9.05 26.81 6.41
CA ARG C 136 -8.14 26.16 5.47
C ARG C 136 -8.68 24.83 4.97
N ILE C 137 -9.44 24.11 5.80
CA ILE C 137 -9.91 22.79 5.37
C ILE C 137 -10.92 22.88 4.23
N TYR C 138 -11.46 24.07 3.96
CA TYR C 138 -12.42 24.22 2.86
C TYR C 138 -11.75 24.45 1.51
N ARG C 139 -10.42 24.52 1.45
CA ARG C 139 -9.71 24.64 0.19
C ARG C 139 -8.98 23.38 -0.23
N PHE C 140 -8.76 22.42 0.69
CA PHE C 140 -8.08 21.18 0.33
C PHE C 140 -8.82 20.49 -0.83
N PRO C 141 -8.12 20.11 -1.90
CA PRO C 141 -8.83 19.56 -3.06
C PRO C 141 -9.38 18.15 -2.82
N ALA C 142 -10.50 17.87 -3.51
CA ALA C 142 -11.17 16.58 -3.44
C ALA C 142 -10.42 15.49 -4.20
N PHE C 143 -9.66 15.86 -5.22
CA PHE C 143 -9.10 14.89 -6.16
C PHE C 143 -7.75 15.39 -6.65
N THR C 144 -6.73 14.53 -6.64
CA THR C 144 -5.37 14.94 -6.98
C THR C 144 -4.88 14.24 -8.25
N ALA C 145 -3.97 14.91 -8.94
CA ALA C 145 -3.35 14.34 -10.15
C ALA C 145 -2.50 13.12 -9.83
N GLN C 146 -2.00 13.02 -8.60
CA GLN C 146 -1.02 12.03 -8.21
C GLN C 146 -1.29 11.63 -6.77
N GLY C 147 -1.05 10.37 -6.46
CA GLY C 147 -1.45 9.91 -5.14
C GLY C 147 -2.95 10.02 -4.98
N GLU C 148 -3.37 10.39 -3.78
CA GLU C 148 -4.79 10.44 -3.46
C GLU C 148 -5.04 11.61 -2.52
N SER C 149 -6.19 12.26 -2.70
CA SER C 149 -6.62 13.29 -1.77
C SER C 149 -6.66 12.73 -0.36
N LEU C 150 -5.98 13.39 0.56
CA LEU C 150 -5.97 12.96 1.95
C LEU C 150 -7.24 13.33 2.68
N VAL C 151 -8.14 14.07 2.04
CA VAL C 151 -9.18 14.77 2.77
CA VAL C 151 -9.18 14.85 2.70
C VAL C 151 -10.58 14.42 2.30
N TRP C 152 -10.73 13.61 1.23
CA TRP C 152 -12.09 13.32 0.77
C TRP C 152 -12.91 12.58 1.83
N HIS C 153 -12.26 11.87 2.75
CA HIS C 153 -12.99 11.19 3.81
C HIS C 153 -13.76 12.17 4.70
N PHE C 154 -13.35 13.44 4.77
CA PHE C 154 -14.13 14.42 5.53
C PHE C 154 -15.58 14.41 5.06
N SER C 155 -15.79 14.47 3.74
CA SER C 155 -17.14 14.54 3.20
C SER C 155 -17.88 13.21 3.33
N PHE C 156 -17.20 12.10 3.05
CA PHE C 156 -17.78 10.77 3.23
C PHE C 156 -18.30 10.58 4.64
N PHE C 157 -17.45 10.89 5.64
CA PHE C 157 -17.81 10.66 7.03
C PHE C 157 -18.84 11.65 7.54
N ALA C 158 -18.86 12.88 7.00
CA ALA C 158 -19.84 13.90 7.43
C ALA C 158 -21.18 13.80 6.71
N ALA C 159 -21.29 12.95 5.69
CA ALA C 159 -22.51 12.86 4.91
C ALA C 159 -23.70 12.50 5.80
N ASP C 160 -24.87 13.06 5.47
CA ASP C 160 -26.00 12.80 6.34
C ASP C 160 -26.63 11.45 6.00
N ASP C 161 -27.75 11.15 6.66
CA ASP C 161 -28.46 9.88 6.50
C ASP C 161 -27.56 8.69 6.82
N ARG C 162 -26.57 8.89 7.70
CA ARG C 162 -25.74 7.79 8.19
C ARG C 162 -25.08 7.05 7.03
N LEU C 163 -24.71 7.79 5.99
CA LEU C 163 -24.16 7.16 4.79
C LEU C 163 -22.97 6.26 5.13
N ALA C 164 -21.97 6.78 5.84
CA ALA C 164 -20.75 5.98 6.04
C ALA C 164 -21.03 4.73 6.86
N GLU C 165 -21.79 4.85 7.95
CA GLU C 165 -22.07 3.66 8.76
C GLU C 165 -22.86 2.63 7.98
N THR C 166 -23.82 3.08 7.18
CA THR C 166 -24.65 2.14 6.45
C THR C 166 -23.81 1.36 5.43
N LEU C 167 -22.88 2.04 4.75
CA LEU C 167 -22.04 1.34 3.78
C LEU C 167 -20.95 0.49 4.43
N ILE C 168 -20.42 0.91 5.58
CA ILE C 168 -19.27 0.20 6.15
C ILE C 168 -19.68 -0.94 7.07
N ALA C 169 -20.89 -0.91 7.62
CA ALA C 169 -21.34 -1.99 8.49
C ALA C 169 -21.22 -3.33 7.78
N GLY C 170 -20.61 -4.30 8.48
CA GLY C 170 -20.32 -5.59 7.88
C GLY C 170 -19.03 -5.63 7.08
N LYS C 171 -18.40 -4.49 6.83
CA LYS C 171 -17.18 -4.41 6.03
C LYS C 171 -16.11 -3.61 6.76
N GLU C 172 -16.16 -3.61 8.10
CA GLU C 172 -15.31 -2.72 8.89
C GLU C 172 -13.85 -3.11 8.76
N ARG C 173 -13.57 -4.42 8.77
CA ARG C 173 -12.18 -4.86 8.71
C ARG C 173 -11.58 -4.56 7.34
N PHE C 174 -12.36 -4.74 6.27
CA PHE C 174 -11.91 -4.37 4.94
C PHE C 174 -11.65 -2.87 4.85
N PHE C 175 -12.60 -2.07 5.33
CA PHE C 175 -12.45 -0.63 5.18
C PHE C 175 -11.23 -0.13 5.95
N LEU C 176 -11.02 -0.67 7.15
CA LEU C 176 -9.94 -0.17 8.00
CA LEU C 176 -9.94 -0.19 8.00
C LEU C 176 -8.58 -0.49 7.39
N GLU C 177 -8.41 -1.69 6.84
CA GLU C 177 -7.15 -1.98 6.19
C GLU C 177 -6.93 -1.05 5.02
N HIS C 178 -7.99 -0.72 4.29
CA HIS C 178 -7.84 0.15 3.14
C HIS C 178 -7.47 1.56 3.56
N PHE C 179 -8.22 2.17 4.50
CA PHE C 179 -7.89 3.57 4.78
C PHE C 179 -6.57 3.70 5.53
N ILE C 180 -6.17 2.71 6.34
CA ILE C 180 -4.87 2.84 7.01
C ILE C 180 -3.75 2.73 5.97
N LYS C 181 -3.77 1.68 5.15
CA LYS C 181 -2.67 1.53 4.20
C LYS C 181 -2.67 2.63 3.15
N SER C 182 -3.85 3.15 2.76
CA SER C 182 -3.88 4.22 1.76
CA SER C 182 -3.88 4.21 1.77
C SER C 182 -3.30 5.52 2.30
N HIS C 183 -3.26 5.70 3.62
CA HIS C 183 -2.66 6.89 4.23
C HIS C 183 -1.26 6.62 4.77
N ALA C 184 -0.63 5.52 4.37
CA ALA C 184 0.65 5.13 4.93
C ALA C 184 1.72 5.13 3.85
N SER C 185 2.96 5.35 4.29
CA SER C 185 4.15 5.13 3.48
CA SER C 185 4.15 5.12 3.47
C SER C 185 4.74 3.74 3.75
N ASN C 186 5.01 3.44 5.01
CA ASN C 186 5.52 2.15 5.44
C ASN C 186 4.35 1.25 5.78
N THR C 187 3.71 0.71 4.73
CA THR C 187 2.52 -0.11 4.95
C THR C 187 2.84 -1.42 5.63
N GLU C 188 4.09 -1.87 5.59
CA GLU C 188 4.40 -3.22 6.05
C GLU C 188 4.23 -3.37 7.57
N VAL C 189 4.15 -2.26 8.32
CA VAL C 189 3.97 -2.38 9.77
C VAL C 189 2.53 -2.75 10.14
N PHE C 190 1.60 -2.65 9.20
CA PHE C 190 0.21 -2.98 9.51
C PHE C 190 -0.05 -4.44 9.13
N SER C 191 0.44 -5.33 10.00
CA SER C 191 0.20 -6.75 9.88
C SER C 191 -1.30 -7.04 9.96
N GLU C 192 -1.68 -8.20 9.42
CA GLU C 192 -3.08 -8.59 9.53
C GLU C 192 -3.51 -8.69 10.98
N ARG C 193 -2.60 -9.13 11.85
CA ARG C 193 -2.90 -9.26 13.27
C ARG C 193 -3.22 -7.91 13.90
N LEU C 194 -2.40 -6.89 13.61
CA LEU C 194 -2.64 -5.56 14.16
C LEU C 194 -3.94 -4.96 13.62
N LEU C 195 -4.18 -5.12 12.31
CA LEU C 195 -5.42 -4.62 11.72
C LEU C 195 -6.64 -5.31 12.33
N ASP C 196 -6.53 -6.61 12.61
CA ASP C 196 -7.62 -7.32 13.30
C ASP C 196 -7.98 -6.63 14.61
N LEU C 197 -6.96 -6.27 15.40
CA LEU C 197 -7.22 -5.63 16.70
C LEU C 197 -7.92 -4.29 16.52
N TYR C 198 -7.42 -3.45 15.61
CA TYR C 198 -8.07 -2.16 15.43
C TYR C 198 -9.48 -2.32 14.87
N ALA C 199 -9.68 -3.26 13.95
CA ALA C 199 -11.01 -3.40 13.35
C ALA C 199 -12.03 -3.89 14.35
N ARG C 200 -11.64 -4.83 15.22
CA ARG C 200 -12.57 -5.35 16.22
C ARG C 200 -13.08 -4.23 17.11
N SER C 201 -12.23 -3.26 17.43
CA SER C 201 -12.65 -2.17 18.29
C SER C 201 -13.61 -1.23 17.58
N TYR C 202 -13.22 -0.71 16.41
CA TYR C 202 -14.08 0.31 15.83
C TYR C 202 -15.31 -0.27 15.14
N ALA C 203 -15.38 -1.60 14.99
CA ALA C 203 -16.58 -2.22 14.44
C ALA C 203 -17.71 -2.33 15.45
N LYS C 204 -17.46 -2.07 16.72
CA LYS C 204 -18.56 -1.98 17.67
C LYS C 204 -19.54 -0.92 17.16
N PRO C 205 -20.82 -1.25 17.03
CA PRO C 205 -21.76 -0.30 16.38
C PRO C 205 -21.68 1.11 16.94
N HIS C 206 -21.63 1.28 18.27
CA HIS C 206 -21.58 2.64 18.79
C HIS C 206 -20.24 3.30 18.49
N SER C 207 -19.17 2.51 18.32
CA SER C 207 -17.88 3.08 17.97
C SER C 207 -17.80 3.46 16.49
N LEU C 208 -18.42 2.65 15.62
CA LEU C 208 -18.45 3.03 14.21
C LEU C 208 -19.21 4.34 14.04
N ASN C 209 -20.36 4.48 14.71
CA ASN C 209 -21.10 5.73 14.64
C ASN C 209 -20.34 6.88 15.27
N ALA C 210 -19.78 6.67 16.47
CA ALA C 210 -19.01 7.72 17.12
C ALA C 210 -17.89 8.23 16.21
N SER C 211 -17.18 7.32 15.53
CA SER C 211 -16.09 7.71 14.64
C SER C 211 -16.53 8.80 13.68
N PHE C 212 -17.70 8.62 13.08
CA PHE C 212 -18.13 9.58 12.07
C PHE C 212 -18.77 10.82 12.68
N GLU C 213 -19.28 10.73 13.91
CA GLU C 213 -19.86 11.91 14.53
C GLU C 213 -18.83 13.00 14.72
N TYR C 214 -17.55 12.66 14.93
CA TYR C 214 -16.51 13.67 14.98
C TYR C 214 -16.44 14.48 13.69
N TYR C 215 -16.67 13.83 12.54
CA TYR C 215 -16.66 14.54 11.26
C TYR C 215 -17.96 15.29 11.02
N ARG C 216 -19.08 14.74 11.49
CA ARG C 216 -20.34 15.48 11.41
C ARG C 216 -20.29 16.76 12.23
N ALA C 217 -19.40 16.84 13.21
CA ALA C 217 -19.26 18.04 14.02
C ALA C 217 -18.12 18.94 13.55
N LEU C 218 -17.44 18.59 12.45
CA LEU C 218 -16.24 19.34 12.05
C LEU C 218 -16.57 20.80 11.74
N ASN C 219 -17.69 21.06 11.07
CA ASN C 219 -18.01 22.45 10.73
C ASN C 219 -18.29 23.26 12.00
N GLU C 220 -18.96 22.64 12.98
CA GLU C 220 -19.13 23.30 14.28
C GLU C 220 -17.78 23.57 14.93
N SER C 221 -16.84 22.60 14.87
CA SER C 221 -15.51 22.81 15.43
C SER C 221 -14.80 23.96 14.74
N VAL C 222 -14.94 24.07 13.41
CA VAL C 222 -14.36 25.21 12.70
C VAL C 222 -14.95 26.52 13.24
N ARG C 223 -16.27 26.58 13.40
CA ARG C 223 -16.89 27.80 13.89
C ARG C 223 -16.43 28.12 15.31
N GLN C 224 -16.27 27.10 16.15
CA GLN C 224 -15.74 27.31 17.50
C GLN C 224 -14.33 27.86 17.45
N ASN C 225 -13.48 27.29 16.59
CA ASN C 225 -12.07 27.67 16.61
C ASN C 225 -11.84 29.06 16.02
N ALA C 226 -12.79 29.55 15.22
CA ALA C 226 -12.67 30.92 14.71
C ALA C 226 -12.67 31.93 15.86
N GLU C 227 -13.41 31.65 16.92
CA GLU C 227 -13.38 32.51 18.10
C GLU C 227 -12.16 32.23 18.96
N LEU C 228 -11.86 30.95 19.20
CA LEU C 228 -10.77 30.59 20.11
C LEU C 228 -9.41 31.07 19.59
N ALA C 229 -9.21 31.05 18.27
CA ALA C 229 -7.89 31.36 17.72
C ALA C 229 -7.51 32.84 17.84
N LYS C 230 -8.39 33.69 18.38
CA LYS C 230 -8.03 35.08 18.62
C LYS C 230 -6.93 35.23 19.67
N THR C 231 -6.62 34.16 20.41
CA THR C 231 -5.52 34.15 21.36
C THR C 231 -4.54 33.08 20.90
N ARG C 232 -3.29 33.47 20.68
CA ARG C 232 -2.27 32.52 20.28
C ARG C 232 -1.82 31.67 21.47
N LEU C 233 -1.39 30.44 21.17
CA LEU C 233 -0.85 29.55 22.19
C LEU C 233 0.54 30.02 22.59
N GLN C 234 0.81 30.00 23.90
CA GLN C 234 2.06 30.54 24.43
C GLN C 234 3.06 29.47 24.87
N MET C 235 2.64 28.21 25.03
CA MET C 235 3.53 27.21 25.59
C MET C 235 4.39 26.60 24.48
N PRO C 236 5.55 26.04 24.83
CA PRO C 236 6.38 25.39 23.81
C PRO C 236 5.62 24.29 23.09
N THR C 237 5.63 24.34 21.75
CA THR C 237 4.91 23.42 20.90
CA THR C 237 4.92 23.38 20.93
C THR C 237 5.85 22.80 19.87
N MET C 238 5.60 21.54 19.54
CA MET C 238 6.30 20.85 18.47
C MET C 238 5.27 20.18 17.58
N THR C 239 5.44 20.31 16.25
CA THR C 239 4.61 19.60 15.29
C THR C 239 5.43 18.52 14.60
N LEU C 240 4.78 17.41 14.32
CA LEU C 240 5.36 16.35 13.52
C LEU C 240 4.43 16.05 12.36
N ALA C 241 5.03 15.69 11.23
CA ALA C 241 4.24 15.30 10.06
C ALA C 241 5.07 14.29 9.28
N GLY C 242 4.38 13.38 8.58
CA GLY C 242 5.08 12.53 7.63
C GLY C 242 5.40 13.26 6.34
N GLY C 243 6.52 12.90 5.73
CA GLY C 243 6.89 13.45 4.44
C GLY C 243 6.58 12.51 3.30
N GLY C 244 6.16 11.28 3.64
CA GLY C 244 5.83 10.29 2.64
C GLY C 244 4.34 10.26 2.32
N HIS C 245 3.95 9.21 1.61
CA HIS C 245 2.55 9.02 1.23
C HIS C 245 1.62 9.04 2.45
N GLY C 246 0.61 9.92 2.39
CA GLY C 246 -0.29 10.13 3.51
C GLY C 246 0.18 11.17 4.50
N GLY C 247 1.40 11.68 4.34
CA GLY C 247 1.91 12.67 5.27
C GLY C 247 1.45 14.07 4.89
N MET C 248 1.37 14.93 5.91
CA MET C 248 0.95 16.31 5.67
C MET C 248 2.10 17.24 5.31
N GLY C 249 3.34 16.74 5.35
CA GLY C 249 4.46 17.56 4.93
C GLY C 249 4.56 18.86 5.69
N THR C 250 4.83 19.94 4.95
CA THR C 250 5.06 21.23 5.59
C THR C 250 3.79 21.90 6.09
N PHE C 251 2.60 21.38 5.77
CA PHE C 251 1.38 22.04 6.21
C PHE C 251 1.28 22.08 7.73
N GLN C 252 1.66 21.00 8.39
CA GLN C 252 1.47 20.91 9.83
C GLN C 252 2.15 22.08 10.54
N LEU C 253 3.41 22.35 10.22
CA LEU C 253 4.11 23.45 10.89
C LEU C 253 3.61 24.80 10.40
N GLU C 254 3.36 24.93 9.09
CA GLU C 254 2.97 26.24 8.57
C GLU C 254 1.65 26.71 9.18
N GLN C 255 0.71 25.80 9.38
CA GLN C 255 -0.54 26.18 10.03
C GLN C 255 -0.32 26.51 11.50
N MET C 256 0.49 25.69 12.20
CA MET C 256 0.69 25.89 13.62
C MET C 256 1.33 27.24 13.92
N LYS C 257 2.15 27.76 12.99
CA LYS C 257 2.75 29.07 13.21
C LYS C 257 1.69 30.16 13.33
N ALA C 258 0.54 29.99 12.69
CA ALA C 258 -0.53 30.98 12.87
C ALA C 258 -1.22 30.83 14.22
N TYR C 259 -1.00 29.72 14.90
CA TYR C 259 -1.66 29.44 16.17
C TYR C 259 -0.74 29.57 17.39
N ALA C 260 0.57 29.52 17.22
CA ALA C 260 1.48 29.34 18.35
C ALA C 260 2.65 30.29 18.26
N GLU C 261 3.04 30.86 19.40
CA GLU C 261 4.19 31.77 19.42
C GLU C 261 5.51 31.04 19.40
N ASP C 262 5.57 29.84 19.97
CA ASP C 262 6.81 29.09 20.19
C ASP C 262 6.61 27.69 19.60
N VAL C 263 7.01 27.51 18.35
CA VAL C 263 6.76 26.24 17.67
C VAL C 263 8.00 25.83 16.88
N GLU C 264 8.33 24.54 16.96
CA GLU C 264 9.29 23.91 16.08
C GLU C 264 8.59 22.74 15.41
N GLY C 265 9.00 22.43 14.19
CA GLY C 265 8.33 21.39 13.43
C GLY C 265 9.32 20.47 12.75
N HIS C 266 8.88 19.24 12.53
CA HIS C 266 9.66 18.23 11.84
C HIS C 266 8.80 17.51 10.82
N VAL C 267 9.40 17.22 9.68
CA VAL C 267 8.80 16.37 8.66
C VAL C 267 9.63 15.10 8.59
N LEU C 268 8.99 13.94 8.78
CA LEU C 268 9.72 12.67 8.88
C LEU C 268 9.72 12.00 7.52
N PRO C 269 10.87 11.86 6.87
CA PRO C 269 10.89 11.31 5.51
C PRO C 269 10.51 9.83 5.50
N GLY C 270 9.82 9.44 4.43
CA GLY C 270 9.49 8.04 4.27
C GLY C 270 8.44 7.55 5.25
N CYS C 271 7.71 8.46 5.85
CA CYS C 271 6.69 8.19 6.85
C CYS C 271 5.40 8.85 6.39
N GLY C 272 4.28 8.13 6.54
CA GLY C 272 2.99 8.70 6.19
C GLY C 272 2.20 9.22 7.38
N HIS C 273 0.93 8.83 7.46
CA HIS C 273 0.07 9.36 8.51
C HIS C 273 0.34 8.74 9.88
N TRP C 274 0.70 7.46 9.92
CA TRP C 274 0.63 6.69 11.17
C TRP C 274 1.99 6.67 11.83
N LEU C 275 2.45 7.86 12.26
CA LEU C 275 3.84 8.01 12.68
C LEU C 275 4.27 7.10 13.82
N PRO C 276 3.46 6.86 14.87
CA PRO C 276 3.95 6.00 15.95
C PRO C 276 4.27 4.59 15.49
N GLU C 277 3.62 4.11 14.44
CA GLU C 277 3.80 2.74 13.96
C GLU C 277 4.74 2.66 12.77
N GLU C 278 4.63 3.59 11.83
CA GLU C 278 5.47 3.58 10.64
C GLU C 278 6.89 3.99 10.94
N CYS C 279 7.07 4.90 11.89
CA CYS C 279 8.38 5.50 12.13
C CYS C 279 8.61 5.66 13.63
N ALA C 280 8.47 4.54 14.35
CA ALA C 280 8.51 4.55 15.81
C ALA C 280 9.83 5.10 16.34
N ALA C 281 10.98 4.65 15.80
CA ALA C 281 12.24 5.10 16.38
C ALA C 281 12.41 6.61 16.28
N PRO C 282 12.35 7.23 15.10
CA PRO C 282 12.55 8.70 15.08
C PRO C 282 11.42 9.45 15.74
N MET C 283 10.18 8.98 15.63
CA MET C 283 9.09 9.75 16.23
C MET C 283 9.19 9.74 17.75
N ASN C 284 9.41 8.56 18.34
CA ASN C 284 9.55 8.48 19.79
C ASN C 284 10.69 9.35 20.29
N ARG C 285 11.82 9.33 19.56
CA ARG C 285 12.98 10.14 19.95
C ARG C 285 12.63 11.62 19.96
N LEU C 286 11.97 12.09 18.90
CA LEU C 286 11.58 13.50 18.84
C LEU C 286 10.68 13.87 20.01
N VAL C 287 9.70 13.03 20.32
CA VAL C 287 8.76 13.36 21.39
C VAL C 287 9.45 13.32 22.75
N ILE C 288 10.25 12.28 23.01
CA ILE C 288 10.90 12.15 24.32
C ILE C 288 11.84 13.32 24.55
N ASP C 289 12.66 13.65 23.53
CA ASP C 289 13.60 14.76 23.67
C ASP C 289 12.86 16.06 23.93
N PHE C 290 11.80 16.32 23.16
CA PHE C 290 11.08 17.59 23.29
C PHE C 290 10.45 17.73 24.66
N LEU C 291 9.84 16.66 25.17
CA LEU C 291 9.21 16.70 26.48
C LEU C 291 10.22 16.70 27.62
N SER C 292 11.41 16.16 27.40
CA SER C 292 12.43 16.14 28.45
C SER C 292 13.16 17.46 28.60
N ARG C 293 12.92 18.43 27.73
CA ARG C 293 13.44 19.77 27.95
C ARG C 293 12.79 20.39 29.17
N ALA D 1 -36.28 -9.28 -21.73
CA ALA D 1 -36.76 -8.21 -20.87
C ALA D 1 -35.92 -6.95 -21.03
N GLU D 2 -36.48 -5.82 -20.60
CA GLU D 2 -35.79 -4.54 -20.64
C GLU D 2 -35.64 -4.00 -19.23
N GLU D 3 -34.53 -3.32 -18.97
CA GLU D 3 -34.37 -2.69 -17.66
C GLU D 3 -35.28 -1.48 -17.50
N PHE D 4 -35.61 -0.80 -18.60
CA PHE D 4 -36.43 0.40 -18.54
C PHE D 4 -37.43 0.38 -19.68
N PRO D 5 -38.61 0.98 -19.48
CA PRO D 5 -39.66 0.91 -20.52
C PRO D 5 -39.30 1.77 -21.73
N VAL D 6 -39.44 1.18 -22.91
CA VAL D 6 -39.11 1.87 -24.16
C VAL D 6 -40.30 2.74 -24.58
N PRO D 7 -40.08 3.99 -24.95
CA PRO D 7 -41.20 4.82 -25.43
C PRO D 7 -41.79 4.27 -26.72
N ASN D 8 -43.09 4.52 -26.90
CA ASN D 8 -43.77 4.10 -28.12
CA ASN D 8 -43.76 4.10 -28.12
C ASN D 8 -43.05 4.68 -29.34
N GLY D 9 -42.94 3.86 -30.38
CA GLY D 9 -42.27 4.31 -31.60
C GLY D 9 -40.77 4.15 -31.56
N PHE D 10 -40.20 3.74 -30.44
CA PHE D 10 -38.77 3.48 -30.32
C PHE D 10 -38.52 1.97 -30.23
N GLU D 11 -37.30 1.57 -30.56
CA GLU D 11 -36.89 0.19 -30.45
C GLU D 11 -35.64 0.07 -29.59
N SER D 12 -35.58 -1.00 -28.80
CA SER D 12 -34.38 -1.38 -28.07
C SER D 12 -33.61 -2.40 -28.90
N ALA D 13 -32.32 -2.15 -29.13
CA ALA D 13 -31.55 -3.00 -30.02
C ALA D 13 -30.09 -3.01 -29.59
N TYR D 14 -29.28 -3.79 -30.32
CA TYR D 14 -27.86 -3.94 -30.01
C TYR D 14 -27.04 -3.89 -31.30
N ARG D 15 -25.81 -3.37 -31.18
CA ARG D 15 -24.84 -3.45 -32.25
C ARG D 15 -23.48 -3.82 -31.67
N GLU D 16 -22.74 -4.64 -32.42
CA GLU D 16 -21.35 -4.92 -32.13
C GLU D 16 -20.52 -3.74 -32.61
N VAL D 17 -19.68 -3.20 -31.73
CA VAL D 17 -18.68 -2.20 -32.10
C VAL D 17 -17.34 -2.65 -31.54
N ASP D 18 -16.38 -2.93 -32.43
CA ASP D 18 -15.06 -3.39 -32.01
C ASP D 18 -15.17 -4.55 -31.02
N GLY D 19 -16.08 -5.47 -31.30
CA GLY D 19 -16.24 -6.67 -30.51
C GLY D 19 -17.03 -6.52 -29.24
N VAL D 20 -17.62 -5.34 -29.00
CA VAL D 20 -18.34 -5.02 -27.78
C VAL D 20 -19.80 -4.80 -28.15
N LYS D 21 -20.69 -5.52 -27.47
CA LYS D 21 -22.11 -5.49 -27.81
C LYS D 21 -22.76 -4.33 -27.04
N LEU D 22 -23.09 -3.26 -27.75
CA LEU D 22 -23.67 -2.08 -27.15
C LEU D 22 -25.20 -2.09 -27.27
N HIS D 23 -25.87 -1.74 -26.19
CA HIS D 23 -27.31 -1.54 -26.19
C HIS D 23 -27.66 -0.09 -26.49
N TYR D 24 -28.78 0.13 -27.20
CA TYR D 24 -29.26 1.49 -27.42
C TYR D 24 -30.77 1.46 -27.62
N VAL D 25 -31.39 2.62 -27.53
CA VAL D 25 -32.80 2.81 -27.86
C VAL D 25 -32.86 3.85 -28.97
N LYS D 26 -33.62 3.56 -30.02
CA LYS D 26 -33.55 4.35 -31.24
C LYS D 26 -34.95 4.59 -31.82
N GLY D 27 -35.18 5.81 -32.31
CA GLY D 27 -36.45 6.12 -32.96
C GLY D 27 -36.34 7.42 -33.71
N GLY D 28 -37.38 7.71 -34.50
CA GLY D 28 -37.46 8.97 -35.22
C GLY D 28 -36.94 8.86 -36.64
N GLN D 29 -36.97 10.00 -37.34
CA GLN D 29 -36.47 10.09 -38.70
C GLN D 29 -35.79 11.43 -38.89
N GLY D 30 -34.82 11.46 -39.82
CA GLY D 30 -34.08 12.67 -40.08
C GLY D 30 -32.65 12.53 -39.61
N PRO D 31 -31.93 13.66 -39.53
CA PRO D 31 -30.52 13.61 -39.11
C PRO D 31 -30.38 13.02 -37.71
N LEU D 32 -29.20 12.46 -37.45
CA LEU D 32 -29.00 11.72 -36.21
C LEU D 32 -28.63 12.64 -35.06
N VAL D 33 -29.24 12.41 -33.90
CA VAL D 33 -28.79 12.96 -32.62
C VAL D 33 -28.49 11.80 -31.69
N MET D 34 -27.29 11.77 -31.13
CA MET D 34 -26.93 10.77 -30.12
C MET D 34 -26.95 11.41 -28.75
N LEU D 35 -27.64 10.77 -27.80
CA LEU D 35 -27.78 11.25 -26.43
C LEU D 35 -27.01 10.30 -25.53
N VAL D 36 -26.08 10.82 -24.72
CA VAL D 36 -25.16 9.98 -23.95
C VAL D 36 -25.32 10.31 -22.47
N HIS D 37 -25.77 9.31 -21.70
CA HIS D 37 -26.09 9.42 -20.28
C HIS D 37 -24.83 9.47 -19.42
N GLY D 38 -25.04 9.63 -18.11
CA GLY D 38 -23.95 9.72 -17.17
C GLY D 38 -24.02 8.71 -16.03
N PHE D 39 -23.24 8.96 -14.97
CA PHE D 39 -23.13 8.00 -13.88
C PHE D 39 -24.44 7.88 -13.12
N GLY D 40 -24.75 6.65 -12.69
CA GLY D 40 -25.93 6.37 -11.92
C GLY D 40 -27.16 6.11 -12.77
N GLN D 41 -27.05 6.29 -14.08
CA GLN D 41 -28.21 6.28 -14.97
C GLN D 41 -27.88 5.48 -16.21
N THR D 42 -28.79 5.52 -17.18
CA THR D 42 -28.75 4.75 -18.41
C THR D 42 -29.33 5.62 -19.50
N TRP D 43 -29.54 5.02 -20.68
CA TRP D 43 -30.29 5.70 -21.75
C TRP D 43 -31.59 6.32 -21.24
N TYR D 44 -32.19 5.73 -20.20
CA TYR D 44 -33.54 6.09 -19.79
C TYR D 44 -33.63 7.52 -19.28
N GLU D 45 -32.53 8.13 -18.86
CA GLU D 45 -32.65 9.51 -18.41
C GLU D 45 -33.13 10.42 -19.54
N TRP D 46 -32.99 9.98 -20.79
CA TRP D 46 -33.42 10.75 -21.94
C TRP D 46 -34.84 10.43 -22.40
N HIS D 47 -35.59 9.60 -21.66
CA HIS D 47 -36.82 9.05 -22.21
C HIS D 47 -37.91 10.10 -22.38
N GLN D 48 -37.82 11.24 -21.70
CA GLN D 48 -38.80 12.30 -21.90
C GLN D 48 -38.43 13.18 -23.09
N LEU D 49 -37.13 13.39 -23.31
CA LEU D 49 -36.68 14.19 -24.44
C LEU D 49 -36.84 13.45 -25.75
N MET D 50 -36.65 12.13 -25.73
CA MET D 50 -36.55 11.36 -26.97
C MET D 50 -37.78 11.49 -27.86
N PRO D 51 -39.02 11.32 -27.36
CA PRO D 51 -40.18 11.44 -28.27
C PRO D 51 -40.33 12.81 -28.90
N GLU D 52 -40.03 13.89 -28.15
CA GLU D 52 -40.12 15.23 -28.71
C GLU D 52 -39.06 15.44 -29.77
N LEU D 53 -37.84 15.00 -29.50
CA LEU D 53 -36.76 15.14 -30.46
C LEU D 53 -36.99 14.29 -31.69
N ALA D 54 -37.65 13.13 -31.54
CA ALA D 54 -37.88 12.23 -32.66
C ALA D 54 -38.86 12.79 -33.68
N LYS D 55 -39.51 13.91 -33.40
CA LYS D 55 -40.35 14.54 -34.39
C LYS D 55 -39.53 15.20 -35.50
N ARG D 56 -38.27 15.51 -35.24
CA ARG D 56 -37.42 16.16 -36.23
C ARG D 56 -36.11 15.44 -36.50
N PHE D 57 -35.75 14.44 -35.69
CA PHE D 57 -34.43 13.80 -35.79
C PHE D 57 -34.58 12.29 -35.63
N THR D 58 -33.59 11.57 -36.15
CA THR D 58 -33.35 10.21 -35.71
C THR D 58 -32.59 10.28 -34.40
N VAL D 59 -33.11 9.63 -33.36
CA VAL D 59 -32.58 9.76 -32.01
C VAL D 59 -32.04 8.41 -31.56
N ILE D 60 -30.78 8.37 -31.14
CA ILE D 60 -30.19 7.17 -30.57
C ILE D 60 -29.65 7.50 -29.17
N ALA D 61 -29.97 6.64 -28.21
CA ALA D 61 -29.53 6.80 -26.82
C ALA D 61 -28.86 5.50 -26.40
N PRO D 62 -27.53 5.42 -26.46
CA PRO D 62 -26.85 4.19 -26.05
C PRO D 62 -26.64 4.10 -24.55
N ASP D 63 -26.51 2.86 -24.07
CA ASP D 63 -25.95 2.61 -22.75
C ASP D 63 -24.43 2.64 -22.84
N LEU D 64 -23.79 3.39 -21.95
CA LEU D 64 -22.33 3.42 -21.91
C LEU D 64 -21.79 2.02 -21.69
N PRO D 65 -20.63 1.71 -22.26
CA PRO D 65 -20.00 0.39 -22.05
C PRO D 65 -20.02 -0.05 -20.59
N GLY D 66 -20.54 -1.25 -20.36
CA GLY D 66 -20.61 -1.83 -19.04
C GLY D 66 -21.82 -1.42 -18.23
N LEU D 67 -22.47 -0.33 -18.60
CA LEU D 67 -23.65 0.15 -17.88
C LEU D 67 -24.91 -0.21 -18.66
N GLY D 68 -26.05 -0.06 -17.99
CA GLY D 68 -27.30 -0.49 -18.61
C GLY D 68 -27.17 -1.91 -19.13
N GLN D 69 -27.53 -2.10 -20.40
CA GLN D 69 -27.48 -3.41 -21.04
C GLN D 69 -26.31 -3.54 -22.03
N SER D 70 -25.31 -2.65 -21.93
CA SER D 70 -24.13 -2.71 -22.80
C SER D 70 -23.00 -3.52 -22.18
N GLU D 71 -22.29 -4.27 -23.03
CA GLU D 71 -21.11 -5.00 -22.57
C GLU D 71 -20.01 -4.05 -22.13
N PRO D 72 -19.19 -4.46 -21.16
CA PRO D 72 -18.03 -3.65 -20.79
C PRO D 72 -17.09 -3.46 -21.98
N PRO D 73 -16.32 -2.38 -22.00
CA PRO D 73 -15.34 -2.19 -23.07
C PRO D 73 -14.24 -3.24 -22.98
N LYS D 74 -13.63 -3.51 -24.14
CA LYS D 74 -12.52 -4.45 -24.21
C LYS D 74 -11.17 -3.76 -24.29
N THR D 75 -11.16 -2.45 -24.53
CA THR D 75 -9.91 -1.66 -24.49
C THR D 75 -9.72 -1.11 -23.09
N GLY D 76 -10.58 -0.18 -22.68
CA GLY D 76 -10.42 0.42 -21.37
C GLY D 76 -11.47 1.49 -21.18
N TYR D 77 -11.41 2.14 -20.02
CA TYR D 77 -12.44 3.11 -19.63
C TYR D 77 -11.98 4.57 -19.70
N SER D 78 -10.80 4.85 -20.25
CA SER D 78 -10.40 6.23 -20.41
C SER D 78 -11.27 6.91 -21.49
N GLY D 79 -11.26 8.24 -21.46
CA GLY D 79 -12.14 8.98 -22.36
C GLY D 79 -11.87 8.65 -23.82
N GLU D 80 -10.59 8.53 -24.19
CA GLU D 80 -10.26 8.26 -25.59
C GLU D 80 -10.69 6.86 -26.01
N GLN D 81 -10.56 5.89 -25.10
CA GLN D 81 -10.96 4.53 -25.45
C GLN D 81 -12.46 4.39 -25.58
N VAL D 82 -13.22 4.97 -24.65
CA VAL D 82 -14.67 4.82 -24.70
C VAL D 82 -15.25 5.60 -25.86
N ALA D 83 -14.68 6.77 -26.15
CA ALA D 83 -15.18 7.60 -27.24
C ALA D 83 -15.10 6.89 -28.59
N VAL D 84 -14.14 5.98 -28.77
CA VAL D 84 -14.08 5.21 -30.02
C VAL D 84 -15.37 4.43 -30.23
N TYR D 85 -15.83 3.74 -29.17
CA TYR D 85 -17.06 2.95 -29.28
C TYR D 85 -18.25 3.83 -29.64
N LEU D 86 -18.38 4.97 -28.97
CA LEU D 86 -19.55 5.82 -29.22
C LEU D 86 -19.49 6.45 -30.60
N HIS D 87 -18.29 6.88 -31.03
CA HIS D 87 -18.15 7.45 -32.37
C HIS D 87 -18.48 6.41 -33.43
N LYS D 88 -17.95 5.19 -33.30
CA LYS D 88 -18.25 4.19 -34.33
C LYS D 88 -19.70 3.76 -34.29
N LEU D 89 -20.32 3.71 -33.12
CA LEU D 89 -21.75 3.40 -33.09
C LEU D 89 -22.55 4.46 -33.83
N ALA D 90 -22.29 5.74 -33.55
CA ALA D 90 -23.01 6.80 -34.26
C ALA D 90 -22.79 6.70 -35.76
N ARG D 91 -21.55 6.45 -36.18
CA ARG D 91 -21.25 6.39 -37.61
C ARG D 91 -21.91 5.20 -38.30
N GLN D 92 -22.26 4.12 -37.58
CA GLN D 92 -23.04 3.06 -38.22
C GLN D 92 -24.39 3.60 -38.67
N PHE D 93 -24.94 4.58 -37.95
CA PHE D 93 -26.25 5.09 -38.27
C PHE D 93 -26.21 6.38 -39.06
N SER D 94 -25.09 7.10 -39.04
CA SER D 94 -24.96 8.36 -39.78
C SER D 94 -23.62 8.38 -40.53
N PRO D 95 -23.42 7.44 -41.47
CA PRO D 95 -22.11 7.38 -42.15
C PRO D 95 -21.86 8.55 -43.09
N ASP D 96 -22.90 9.21 -43.61
CA ASP D 96 -22.74 10.18 -44.69
C ASP D 96 -23.02 11.61 -44.27
N ARG D 97 -23.40 11.84 -43.02
CA ARG D 97 -23.74 13.17 -42.55
C ARG D 97 -23.14 13.37 -41.16
N PRO D 98 -22.80 14.59 -40.80
CA PRO D 98 -22.45 14.85 -39.39
C PRO D 98 -23.68 14.62 -38.52
N PHE D 99 -23.43 14.28 -37.26
CA PHE D 99 -24.53 14.06 -36.33
C PHE D 99 -24.41 15.01 -35.14
N ASP D 100 -25.52 15.17 -34.43
CA ASP D 100 -25.54 15.97 -33.21
C ASP D 100 -25.25 15.10 -31.99
N LEU D 101 -24.68 15.73 -30.98
CA LEU D 101 -24.30 15.02 -29.76
C LEU D 101 -24.78 15.81 -28.54
N VAL D 102 -25.50 15.13 -27.65
CA VAL D 102 -25.92 15.67 -26.36
C VAL D 102 -25.36 14.74 -25.29
N ALA D 103 -24.68 15.29 -24.29
CA ALA D 103 -24.10 14.43 -23.27
C ALA D 103 -24.23 15.05 -21.89
N HIS D 104 -24.36 14.19 -20.88
CA HIS D 104 -24.61 14.56 -19.49
C HIS D 104 -23.58 13.86 -18.61
N ASP D 105 -22.99 14.59 -17.67
CA ASP D 105 -22.11 13.99 -16.63
C ASP D 105 -20.98 13.26 -17.35
N ILE D 106 -20.67 12.00 -17.02
CA ILE D 106 -19.52 11.35 -17.64
C ILE D 106 -19.72 11.02 -19.11
N GLY D 107 -20.94 11.21 -19.63
CA GLY D 107 -21.12 11.21 -21.08
C GLY D 107 -20.22 12.22 -21.77
N ILE D 108 -19.93 13.33 -21.09
CA ILE D 108 -18.98 14.32 -21.61
C ILE D 108 -17.58 13.72 -21.68
N TRP D 109 -17.16 13.08 -20.59
CA TRP D 109 -15.82 12.49 -20.54
C TRP D 109 -15.64 11.48 -21.65
N ASN D 110 -16.69 10.72 -21.93
CA ASN D 110 -16.65 9.62 -22.86
C ASN D 110 -16.93 10.05 -24.29
N THR D 111 -17.14 11.34 -24.54
CA THR D 111 -17.33 11.80 -25.92
C THR D 111 -16.39 12.90 -26.37
N TYR D 112 -15.91 13.74 -25.45
CA TYR D 112 -15.07 14.85 -25.86
C TYR D 112 -13.92 14.43 -26.79
N PRO D 113 -13.19 13.35 -26.55
CA PRO D 113 -12.10 13.01 -27.48
C PRO D 113 -12.55 12.75 -28.90
N MET D 114 -13.67 12.08 -29.10
CA MET D 114 -14.06 11.81 -30.48
C MET D 114 -14.65 13.05 -31.14
N VAL D 115 -15.19 13.98 -30.35
CA VAL D 115 -15.60 15.27 -30.90
C VAL D 115 -14.38 16.04 -31.39
N VAL D 116 -13.35 16.15 -30.56
CA VAL D 116 -12.20 16.97 -30.96
C VAL D 116 -11.44 16.31 -32.10
N LYS D 117 -11.44 14.98 -32.18
CA LYS D 117 -10.67 14.31 -33.23
C LYS D 117 -11.46 14.09 -34.52
N ASN D 118 -12.77 14.25 -34.50
CA ASN D 118 -13.62 14.01 -35.68
C ASN D 118 -14.59 15.15 -35.85
N GLN D 119 -14.07 16.38 -35.91
CA GLN D 119 -14.94 17.55 -35.87
C GLN D 119 -15.90 17.61 -37.05
N ALA D 120 -15.46 17.15 -38.22
CA ALA D 120 -16.36 17.14 -39.37
C ALA D 120 -17.53 16.17 -39.20
N ASP D 121 -17.46 15.27 -38.22
CA ASP D 121 -18.54 14.33 -37.96
C ASP D 121 -19.59 14.89 -37.01
N ILE D 122 -19.37 16.05 -36.41
CA ILE D 122 -20.23 16.57 -35.35
C ILE D 122 -20.87 17.86 -35.84
N ALA D 123 -22.19 17.84 -36.04
CA ALA D 123 -22.86 19.04 -36.50
C ALA D 123 -23.00 20.06 -35.37
N ARG D 124 -23.67 19.68 -34.28
CA ARG D 124 -23.88 20.54 -33.12
CA ARG D 124 -23.88 20.54 -33.12
C ARG D 124 -23.68 19.72 -31.85
N LEU D 125 -23.26 20.40 -30.78
CA LEU D 125 -22.85 19.78 -29.53
C LEU D 125 -23.58 20.40 -28.34
N VAL D 126 -24.13 19.57 -27.45
CA VAL D 126 -24.76 20.05 -26.22
C VAL D 126 -24.15 19.28 -25.06
N TYR D 127 -23.53 20.00 -24.12
CA TYR D 127 -22.88 19.39 -22.96
C TYR D 127 -23.53 19.92 -21.69
N MET D 128 -23.87 19.02 -20.76
CA MET D 128 -24.50 19.48 -19.51
C MET D 128 -23.94 18.75 -18.30
N GLN D 129 -23.63 19.52 -17.25
CA GLN D 129 -23.39 19.02 -15.89
C GLN D 129 -22.23 18.01 -15.80
N ALA D 130 -21.06 18.44 -16.28
CA ALA D 130 -19.80 17.80 -15.91
C ALA D 130 -18.64 18.62 -16.43
N PRO D 131 -17.55 18.69 -15.69
CA PRO D 131 -16.33 19.27 -16.26
C PRO D 131 -15.78 18.36 -17.34
N ILE D 132 -15.28 18.96 -18.41
CA ILE D 132 -14.36 18.18 -19.25
C ILE D 132 -13.12 17.86 -18.41
N PRO D 133 -12.62 16.62 -18.42
CA PRO D 133 -11.48 16.31 -17.54
C PRO D 133 -10.25 17.13 -17.91
N ASP D 134 -9.86 18.05 -17.04
CA ASP D 134 -8.61 18.80 -17.21
C ASP D 134 -8.15 19.25 -15.82
N ALA D 135 -7.10 20.07 -15.79
CA ALA D 135 -6.49 20.41 -14.51
C ALA D 135 -7.44 21.19 -13.60
N ARG D 136 -8.52 21.76 -14.14
CA ARG D 136 -9.46 22.49 -13.28
C ARG D 136 -10.06 21.59 -12.20
N ILE D 137 -10.23 20.29 -12.47
CA ILE D 137 -10.84 19.42 -11.47
C ILE D 137 -9.98 19.25 -10.22
N TYR D 138 -8.68 19.57 -10.30
CA TYR D 138 -7.79 19.40 -9.15
C TYR D 138 -7.92 20.54 -8.14
N ARG D 139 -8.79 21.50 -8.40
CA ARG D 139 -9.03 22.63 -7.52
C ARG D 139 -10.30 22.47 -6.70
N PHE D 140 -11.24 21.64 -7.16
CA PHE D 140 -12.53 21.48 -6.48
C PHE D 140 -12.30 21.05 -5.03
N PRO D 141 -12.86 21.74 -4.05
CA PRO D 141 -12.62 21.39 -2.65
C PRO D 141 -13.28 20.08 -2.21
N ALA D 142 -12.57 19.36 -1.32
CA ALA D 142 -13.04 18.09 -0.79
C ALA D 142 -14.23 18.26 0.13
N PHE D 143 -14.31 19.37 0.85
CA PHE D 143 -15.20 19.54 1.99
C PHE D 143 -15.67 20.99 2.03
N THR D 144 -16.93 21.21 2.41
CA THR D 144 -17.50 22.55 2.39
C THR D 144 -17.99 22.93 3.79
N ALA D 145 -18.17 24.23 4.00
CA ALA D 145 -18.72 24.72 5.26
C ALA D 145 -20.18 24.33 5.47
N GLN D 146 -20.82 23.70 4.49
CA GLN D 146 -22.18 23.18 4.64
C GLN D 146 -22.25 21.66 4.73
N GLY D 147 -21.10 20.96 4.67
CA GLY D 147 -21.06 19.52 4.74
C GLY D 147 -20.39 18.92 3.51
N GLU D 148 -20.89 17.76 3.10
CA GLU D 148 -20.26 17.03 1.99
C GLU D 148 -20.31 17.86 0.71
N SER D 149 -19.22 17.80 -0.06
CA SER D 149 -19.09 18.52 -1.32
C SER D 149 -19.72 17.72 -2.45
N LEU D 150 -19.74 18.33 -3.64
CA LEU D 150 -20.31 17.68 -4.81
C LEU D 150 -19.33 16.77 -5.53
N VAL D 151 -18.05 16.79 -5.14
CA VAL D 151 -16.99 16.18 -5.94
C VAL D 151 -16.20 15.11 -5.19
N TRP D 152 -16.45 14.90 -3.90
CA TRP D 152 -15.65 13.91 -3.19
C TRP D 152 -15.83 12.52 -3.77
N HIS D 153 -16.93 12.30 -4.52
CA HIS D 153 -17.11 10.99 -5.13
C HIS D 153 -16.03 10.68 -6.15
N PHE D 154 -15.37 11.69 -6.74
CA PHE D 154 -14.24 11.39 -7.64
C PHE D 154 -13.23 10.47 -6.95
N SER D 155 -12.87 10.80 -5.71
CA SER D 155 -11.87 10.01 -5.01
C SER D 155 -12.43 8.71 -4.47
N PHE D 156 -13.67 8.72 -3.97
CA PHE D 156 -14.32 7.49 -3.52
C PHE D 156 -14.34 6.46 -4.63
N PHE D 157 -14.73 6.91 -5.83
CA PHE D 157 -14.89 5.99 -6.95
C PHE D 157 -13.55 5.58 -7.55
N ALA D 158 -12.55 6.48 -7.51
CA ALA D 158 -11.25 6.17 -8.08
C ALA D 158 -10.37 5.32 -7.16
N ALA D 159 -10.73 5.17 -5.89
CA ALA D 159 -9.91 4.41 -4.95
C ALA D 159 -9.72 2.97 -5.40
N ASP D 160 -8.58 2.38 -5.03
CA ASP D 160 -8.32 0.99 -5.41
C ASP D 160 -8.96 0.03 -4.40
N ASP D 161 -8.52 -1.23 -4.39
CA ASP D 161 -9.10 -2.27 -3.54
C ASP D 161 -10.58 -2.49 -3.81
N ARG D 162 -11.06 -2.07 -4.99
CA ARG D 162 -12.49 -2.08 -5.28
C ARG D 162 -13.27 -1.50 -4.09
N LEU D 163 -12.77 -0.40 -3.55
CA LEU D 163 -13.36 0.21 -2.36
C LEU D 163 -14.86 0.48 -2.57
N ALA D 164 -15.21 1.17 -3.65
CA ALA D 164 -16.60 1.54 -3.88
C ALA D 164 -17.49 0.32 -4.05
N GLU D 165 -17.11 -0.62 -4.93
CA GLU D 165 -17.94 -1.82 -5.14
C GLU D 165 -18.14 -2.57 -3.84
N THR D 166 -17.08 -2.68 -3.05
CA THR D 166 -17.14 -3.48 -1.84
C THR D 166 -18.07 -2.86 -0.81
N LEU D 167 -18.02 -1.52 -0.64
CA LEU D 167 -18.87 -0.89 0.35
C LEU D 167 -20.31 -0.75 -0.15
N ILE D 168 -20.49 -0.57 -1.45
CA ILE D 168 -21.84 -0.30 -1.94
C ILE D 168 -22.62 -1.58 -2.18
N ALA D 169 -21.94 -2.70 -2.46
CA ALA D 169 -22.66 -3.97 -2.63
C ALA D 169 -23.54 -4.27 -1.43
N GLY D 170 -24.78 -4.70 -1.71
CA GLY D 170 -25.78 -4.90 -0.67
C GLY D 170 -26.53 -3.65 -0.26
N LYS D 171 -26.05 -2.46 -0.64
CA LYS D 171 -26.65 -1.17 -0.31
C LYS D 171 -26.79 -0.30 -1.56
N GLU D 172 -26.98 -0.92 -2.73
CA GLU D 172 -26.95 -0.16 -3.98
C GLU D 172 -28.12 0.82 -4.08
N ARG D 173 -29.31 0.40 -3.66
CA ARG D 173 -30.47 1.29 -3.70
C ARG D 173 -30.33 2.42 -2.70
N PHE D 174 -29.82 2.12 -1.51
CA PHE D 174 -29.58 3.15 -0.50
C PHE D 174 -28.58 4.19 -1.00
N PHE D 175 -27.44 3.72 -1.53
CA PHE D 175 -26.43 4.65 -1.99
C PHE D 175 -26.94 5.49 -3.15
N LEU D 176 -27.71 4.89 -4.06
CA LEU D 176 -28.17 5.64 -5.23
C LEU D 176 -29.13 6.73 -4.81
N GLU D 177 -30.04 6.43 -3.89
CA GLU D 177 -30.92 7.49 -3.38
C GLU D 177 -30.08 8.60 -2.75
N HIS D 178 -29.03 8.24 -2.02
CA HIS D 178 -28.21 9.27 -1.41
C HIS D 178 -27.57 10.18 -2.44
N PHE D 179 -26.90 9.61 -3.46
CA PHE D 179 -26.18 10.51 -4.36
C PHE D 179 -27.11 11.19 -5.36
N ILE D 180 -28.25 10.59 -5.68
CA ILE D 180 -29.25 11.32 -6.47
C ILE D 180 -29.69 12.57 -5.71
N LYS D 181 -30.11 12.40 -4.46
CA LYS D 181 -30.69 13.55 -3.75
C LYS D 181 -29.63 14.53 -3.30
N SER D 182 -28.40 14.06 -3.02
CA SER D 182 -27.35 14.99 -2.62
C SER D 182 -26.89 15.87 -3.77
N HIS D 183 -27.18 15.47 -5.01
CA HIS D 183 -26.84 16.29 -6.17
C HIS D 183 -28.07 16.90 -6.82
N ALA D 184 -29.23 16.83 -6.16
CA ALA D 184 -30.48 17.32 -6.72
C ALA D 184 -30.93 18.60 -6.02
N SER D 185 -31.62 19.44 -6.79
CA SER D 185 -32.42 20.51 -6.19
CA SER D 185 -32.43 20.52 -6.20
C SER D 185 -33.86 20.07 -5.99
N ASN D 186 -34.44 19.40 -6.98
CA ASN D 186 -35.83 18.94 -6.97
C ASN D 186 -35.82 17.43 -6.75
N THR D 187 -35.80 17.01 -5.48
CA THR D 187 -35.87 15.58 -5.24
C THR D 187 -37.25 15.01 -5.51
N GLU D 188 -38.27 15.85 -5.64
CA GLU D 188 -39.63 15.35 -5.85
C GLU D 188 -39.81 14.65 -7.18
N VAL D 189 -38.94 14.89 -8.17
CA VAL D 189 -39.11 14.29 -9.48
C VAL D 189 -38.64 12.84 -9.53
N PHE D 190 -38.06 12.32 -8.45
CA PHE D 190 -37.52 10.97 -8.39
C PHE D 190 -38.45 10.09 -7.55
N SER D 191 -39.35 9.38 -8.21
CA SER D 191 -40.21 8.45 -7.49
C SER D 191 -39.38 7.33 -6.90
N GLU D 192 -39.92 6.68 -5.87
CA GLU D 192 -39.26 5.49 -5.32
C GLU D 192 -39.07 4.44 -6.41
N ARG D 193 -40.06 4.31 -7.30
CA ARG D 193 -39.96 3.34 -8.39
C ARG D 193 -38.84 3.68 -9.35
N LEU D 194 -38.70 4.96 -9.71
CA LEU D 194 -37.62 5.35 -10.60
C LEU D 194 -36.26 5.02 -9.99
N LEU D 195 -36.10 5.30 -8.70
CA LEU D 195 -34.85 4.97 -8.03
C LEU D 195 -34.63 3.46 -7.99
N ASP D 196 -35.71 2.69 -7.81
CA ASP D 196 -35.60 1.23 -7.87
C ASP D 196 -35.03 0.76 -9.20
N LEU D 197 -35.52 1.33 -10.31
CA LEU D 197 -35.07 0.91 -11.63
C LEU D 197 -33.60 1.27 -11.88
N TYR D 198 -33.19 2.49 -11.51
CA TYR D 198 -31.79 2.83 -11.70
C TYR D 198 -30.90 1.95 -10.83
N ALA D 199 -31.33 1.69 -9.59
CA ALA D 199 -30.49 0.90 -8.69
C ALA D 199 -30.36 -0.54 -9.18
N ARG D 200 -31.45 -1.14 -9.66
CA ARG D 200 -31.36 -2.52 -10.13
C ARG D 200 -30.38 -2.63 -11.29
N SER D 201 -30.32 -1.61 -12.14
CA SER D 201 -29.42 -1.66 -13.29
C SER D 201 -27.97 -1.56 -12.87
N TYR D 202 -27.62 -0.54 -12.08
CA TYR D 202 -26.20 -0.40 -11.79
C TYR D 202 -25.75 -1.34 -10.67
N ALA D 203 -26.69 -2.04 -10.01
CA ALA D 203 -26.31 -3.04 -9.02
C ALA D 203 -25.77 -4.32 -9.67
N LYS D 204 -26.02 -4.53 -10.96
CA LYS D 204 -25.38 -5.65 -11.66
C LYS D 204 -23.88 -5.60 -11.41
N PRO D 205 -23.25 -6.69 -10.97
CA PRO D 205 -21.83 -6.59 -10.57
C PRO D 205 -20.92 -6.00 -11.63
N HIS D 206 -21.09 -6.37 -12.91
CA HIS D 206 -20.19 -5.79 -13.90
C HIS D 206 -20.51 -4.33 -14.17
N SER D 207 -21.74 -3.91 -13.88
CA SER D 207 -22.13 -2.52 -14.06
C SER D 207 -21.69 -1.64 -12.89
N LEU D 208 -21.75 -2.20 -11.67
CA LEU D 208 -21.23 -1.46 -10.53
C LEU D 208 -19.73 -1.23 -10.67
N ASN D 209 -19.00 -2.25 -11.13
CA ASN D 209 -17.58 -2.07 -11.40
C ASN D 209 -17.34 -1.10 -12.56
N ALA D 210 -18.08 -1.28 -13.67
CA ALA D 210 -17.88 -0.41 -14.81
C ALA D 210 -18.07 1.05 -14.42
N SER D 211 -19.10 1.32 -13.61
CA SER D 211 -19.37 2.67 -13.12
C SER D 211 -18.11 3.31 -12.56
N PHE D 212 -17.40 2.58 -11.70
CA PHE D 212 -16.27 3.20 -11.04
C PHE D 212 -14.99 3.16 -11.87
N GLU D 213 -14.89 2.24 -12.83
CA GLU D 213 -13.71 2.23 -13.68
C GLU D 213 -13.60 3.52 -14.50
N TYR D 214 -14.72 4.17 -14.81
CA TYR D 214 -14.63 5.47 -15.47
C TYR D 214 -13.86 6.46 -14.62
N TYR D 215 -14.02 6.39 -13.30
CA TYR D 215 -13.31 7.28 -12.39
C TYR D 215 -11.88 6.81 -12.14
N ARG D 216 -11.65 5.49 -12.12
CA ARG D 216 -10.28 5.01 -12.02
C ARG D 216 -9.45 5.40 -13.23
N ALA D 217 -10.10 5.75 -14.35
CA ALA D 217 -9.39 6.23 -15.52
C ALA D 217 -9.39 7.76 -15.66
N LEU D 218 -9.93 8.49 -14.68
CA LEU D 218 -10.11 9.93 -14.84
C LEU D 218 -8.78 10.67 -15.02
N ASN D 219 -7.78 10.35 -14.18
CA ASN D 219 -6.49 11.02 -14.33
C ASN D 219 -5.87 10.73 -15.68
N GLU D 220 -6.05 9.50 -16.18
CA GLU D 220 -5.58 9.19 -17.53
C GLU D 220 -6.32 10.01 -18.57
N SER D 221 -7.63 10.21 -18.36
CA SER D 221 -8.41 11.05 -19.29
C SER D 221 -7.94 12.50 -19.25
N VAL D 222 -7.63 13.03 -18.05
CA VAL D 222 -7.05 14.38 -17.95
C VAL D 222 -5.78 14.48 -18.77
N ARG D 223 -4.90 13.48 -18.66
CA ARG D 223 -3.63 13.54 -19.38
C ARG D 223 -3.85 13.45 -20.89
N GLN D 224 -4.76 12.58 -21.33
CA GLN D 224 -5.13 12.51 -22.74
C GLN D 224 -5.64 13.85 -23.23
N ASN D 225 -6.54 14.47 -22.47
CA ASN D 225 -7.15 15.71 -22.91
C ASN D 225 -6.17 16.87 -22.93
N ALA D 226 -5.09 16.79 -22.15
CA ALA D 226 -4.10 17.86 -22.18
C ALA D 226 -3.53 18.04 -23.60
N GLU D 227 -3.35 16.94 -24.33
CA GLU D 227 -2.90 17.02 -25.72
C GLU D 227 -4.05 17.30 -26.68
N LEU D 228 -5.19 16.64 -26.48
CA LEU D 228 -6.31 16.83 -27.40
C LEU D 228 -6.74 18.30 -27.46
N ALA D 229 -6.74 18.99 -26.33
CA ALA D 229 -7.27 20.34 -26.24
C ALA D 229 -6.40 21.38 -26.94
N LYS D 230 -5.27 21.00 -27.54
CA LYS D 230 -4.54 21.93 -28.39
C LYS D 230 -5.34 22.30 -29.63
N THR D 231 -6.38 21.53 -29.96
CA THR D 231 -7.28 21.80 -31.07
C THR D 231 -8.62 22.26 -30.51
N ARG D 232 -9.00 23.50 -30.82
CA ARG D 232 -10.27 24.02 -30.33
C ARG D 232 -11.44 23.41 -31.10
N LEU D 233 -12.59 23.34 -30.42
CA LEU D 233 -13.82 22.90 -31.07
C LEU D 233 -14.42 24.03 -31.90
N GLN D 234 -14.80 23.72 -33.13
CA GLN D 234 -15.27 24.73 -34.05
C GLN D 234 -16.77 24.66 -34.33
N MET D 235 -17.47 23.62 -33.87
CA MET D 235 -18.89 23.48 -34.19
C MET D 235 -19.75 24.25 -33.19
N PRO D 236 -20.99 24.59 -33.56
CA PRO D 236 -21.89 25.27 -32.60
C PRO D 236 -22.12 24.40 -31.36
N THR D 237 -21.91 25.00 -30.18
CA THR D 237 -22.00 24.29 -28.91
CA THR D 237 -22.06 24.26 -28.94
C THR D 237 -22.94 25.04 -27.97
N MET D 238 -23.67 24.30 -27.16
CA MET D 238 -24.48 24.84 -26.08
C MET D 238 -24.14 24.10 -24.81
N THR D 239 -23.98 24.83 -23.71
CA THR D 239 -23.85 24.22 -22.40
C THR D 239 -25.09 24.50 -21.56
N LEU D 240 -25.43 23.53 -20.71
CA LEU D 240 -26.49 23.67 -19.73
C LEU D 240 -25.96 23.27 -18.36
N ALA D 241 -26.38 23.99 -17.33
CA ALA D 241 -26.01 23.66 -15.97
C ALA D 241 -27.15 24.06 -15.05
N GLY D 242 -27.29 23.34 -13.95
CA GLY D 242 -28.24 23.75 -12.92
C GLY D 242 -27.71 24.93 -12.13
N GLY D 243 -28.64 25.79 -11.70
CA GLY D 243 -28.29 26.89 -10.84
C GLY D 243 -28.56 26.65 -9.37
N GLY D 244 -29.24 25.55 -9.04
CA GLY D 244 -29.53 25.23 -7.67
C GLY D 244 -28.55 24.24 -7.08
N HIS D 245 -28.90 23.73 -5.90
CA HIS D 245 -28.08 22.73 -5.23
C HIS D 245 -27.80 21.55 -6.16
N GLY D 246 -26.52 21.19 -6.29
CA GLY D 246 -26.12 20.17 -7.23
C GLY D 246 -25.72 20.68 -8.59
N GLY D 247 -26.09 21.91 -8.93
CA GLY D 247 -25.75 22.44 -10.23
C GLY D 247 -24.35 22.99 -10.30
N MET D 248 -23.81 23.01 -11.51
CA MET D 248 -22.46 23.54 -11.70
C MET D 248 -22.44 25.03 -11.95
N GLY D 249 -23.61 25.67 -12.09
CA GLY D 249 -23.62 27.11 -12.23
C GLY D 249 -22.79 27.55 -13.42
N THR D 250 -22.06 28.66 -13.23
CA THR D 250 -21.34 29.25 -14.35
C THR D 250 -20.12 28.45 -14.78
N PHE D 251 -19.73 27.42 -14.01
CA PHE D 251 -18.50 26.70 -14.37
C PHE D 251 -18.61 26.07 -15.74
N GLN D 252 -19.79 25.53 -16.09
CA GLN D 252 -19.94 24.77 -17.32
C GLN D 252 -19.63 25.62 -18.54
N LEU D 253 -20.25 26.79 -18.61
CA LEU D 253 -19.99 27.67 -19.75
C LEU D 253 -18.57 28.24 -19.70
N GLU D 254 -18.09 28.60 -18.50
CA GLU D 254 -16.78 29.25 -18.44
C GLU D 254 -15.67 28.29 -18.84
N GLN D 255 -15.77 27.02 -18.45
CA GLN D 255 -14.78 26.07 -18.93
C GLN D 255 -14.90 25.86 -20.43
N MET D 256 -16.14 25.72 -20.93
CA MET D 256 -16.33 25.41 -22.34
C MET D 256 -15.80 26.53 -23.23
N LYS D 257 -15.84 27.77 -22.73
CA LYS D 257 -15.27 28.89 -23.50
C LYS D 257 -13.79 28.68 -23.81
N ALA D 258 -13.08 27.95 -22.95
CA ALA D 258 -11.68 27.63 -23.23
C ALA D 258 -11.53 26.54 -24.27
N TYR D 259 -12.60 25.80 -24.55
CA TYR D 259 -12.54 24.69 -25.52
C TYR D 259 -13.22 24.98 -26.84
N ALA D 260 -14.18 25.90 -26.88
CA ALA D 260 -15.10 26.03 -28.01
C ALA D 260 -15.19 27.48 -28.44
N GLU D 261 -14.98 27.71 -29.74
CA GLU D 261 -15.04 29.07 -30.26
C GLU D 261 -16.46 29.62 -30.32
N ASP D 262 -17.45 28.75 -30.53
CA ASP D 262 -18.83 29.14 -30.80
C ASP D 262 -19.69 28.44 -29.75
N VAL D 263 -19.89 29.09 -28.60
CA VAL D 263 -20.60 28.45 -27.50
C VAL D 263 -21.58 29.44 -26.86
N GLU D 264 -22.76 28.94 -26.53
CA GLU D 264 -23.73 29.65 -25.71
C GLU D 264 -24.05 28.77 -24.52
N GLY D 265 -24.41 29.40 -23.41
CA GLY D 265 -24.68 28.65 -22.19
C GLY D 265 -25.93 29.16 -21.51
N HIS D 266 -26.52 28.27 -20.72
CA HIS D 266 -27.63 28.63 -19.86
C HIS D 266 -27.45 27.97 -18.51
N VAL D 267 -27.81 28.70 -17.46
CA VAL D 267 -27.91 28.18 -16.11
C VAL D 267 -29.38 28.17 -15.74
N LEU D 268 -29.89 27.01 -15.28
CA LEU D 268 -31.32 26.85 -15.02
C LEU D 268 -31.61 26.98 -13.53
N PRO D 269 -32.21 28.08 -13.09
CA PRO D 269 -32.49 28.26 -11.66
C PRO D 269 -33.50 27.23 -11.18
N GLY D 270 -33.34 26.78 -9.94
CA GLY D 270 -34.24 25.79 -9.39
C GLY D 270 -33.95 24.36 -9.79
N CYS D 271 -32.79 24.12 -10.42
CA CYS D 271 -32.41 22.81 -10.94
C CYS D 271 -31.02 22.47 -10.45
N GLY D 272 -30.80 21.19 -10.15
CA GLY D 272 -29.50 20.72 -9.76
C GLY D 272 -28.78 19.98 -10.87
N HIS D 273 -28.28 18.79 -10.55
CA HIS D 273 -27.46 18.04 -11.49
C HIS D 273 -28.30 17.30 -12.53
N TRP D 274 -29.48 16.82 -12.13
CA TRP D 274 -30.20 15.82 -12.91
C TRP D 274 -31.16 16.48 -13.89
N LEU D 275 -30.58 17.29 -14.78
CA LEU D 275 -31.40 18.22 -15.56
C LEU D 275 -32.53 17.56 -16.35
N PRO D 276 -32.34 16.44 -17.06
CA PRO D 276 -33.47 15.88 -17.82
C PRO D 276 -34.65 15.52 -16.96
N GLU D 277 -34.43 15.23 -15.67
CA GLU D 277 -35.53 14.87 -14.78
C GLU D 277 -35.98 16.03 -13.89
N GLU D 278 -35.03 16.78 -13.31
CA GLU D 278 -35.40 17.90 -12.46
C GLU D 278 -36.03 19.04 -13.24
N CYS D 279 -35.59 19.25 -14.46
CA CYS D 279 -36.06 20.41 -15.22
C CYS D 279 -36.30 19.99 -16.66
N ALA D 280 -37.13 18.95 -16.81
CA ALA D 280 -37.35 18.33 -18.11
C ALA D 280 -37.88 19.34 -19.12
N ALA D 281 -38.91 20.11 -18.76
CA ALA D 281 -39.53 20.98 -19.77
C ALA D 281 -38.57 22.06 -20.28
N PRO D 282 -37.95 22.89 -19.44
CA PRO D 282 -37.04 23.89 -20.01
C PRO D 282 -35.78 23.30 -20.63
N MET D 283 -35.24 22.22 -20.04
CA MET D 283 -34.07 21.58 -20.66
C MET D 283 -34.40 21.07 -22.04
N ASN D 284 -35.53 20.37 -22.18
CA ASN D 284 -35.93 19.84 -23.48
C ASN D 284 -36.10 20.96 -24.48
N ARG D 285 -36.76 22.04 -24.06
CA ARG D 285 -36.99 23.18 -24.94
C ARG D 285 -35.67 23.75 -25.47
N LEU D 286 -34.71 23.98 -24.57
CA LEU D 286 -33.46 24.59 -24.99
C LEU D 286 -32.70 23.67 -25.94
N VAL D 287 -32.70 22.36 -25.65
CA VAL D 287 -32.02 21.41 -26.52
C VAL D 287 -32.70 21.33 -27.88
N ILE D 288 -34.03 21.17 -27.88
CA ILE D 288 -34.75 21.05 -29.15
C ILE D 288 -34.53 22.29 -30.01
N ASP D 289 -34.65 23.46 -29.39
CA ASP D 289 -34.50 24.72 -30.12
C ASP D 289 -33.08 24.88 -30.67
N PHE D 290 -32.08 24.56 -29.86
CA PHE D 290 -30.69 24.71 -30.31
C PHE D 290 -30.39 23.77 -31.47
N LEU D 291 -30.85 22.53 -31.39
CA LEU D 291 -30.58 21.58 -32.47
C LEU D 291 -31.41 21.85 -33.70
N SER D 292 -32.56 22.52 -33.56
CA SER D 292 -33.43 22.79 -34.70
C SER D 292 -33.06 24.05 -35.47
N ARG D 293 -32.13 24.87 -34.97
CA ARG D 293 -31.64 25.97 -35.80
C ARG D 293 -30.97 25.49 -37.08
N GLY D 294 -30.73 24.17 -37.21
CA GLY D 294 -30.20 23.58 -38.41
C GLY D 294 -31.23 22.76 -39.15
N ARG D 295 -30.75 21.91 -40.05
CA ARG D 295 -31.65 21.09 -40.85
C ARG D 295 -32.13 19.88 -40.05
N HIS D 296 -33.37 19.50 -40.30
CA HIS D 296 -34.04 18.44 -39.55
C HIS D 296 -35.35 18.11 -40.26
N HIS D 297 -35.89 16.95 -39.94
CA HIS D 297 -37.20 16.55 -40.46
C HIS D 297 -38.30 17.48 -39.93
C12 7LE E . 16.62 -3.10 -6.37
C13 7LE E . 17.69 -2.38 -5.93
C14 7LE E . 17.64 -1.23 -4.96
C15 7LE E . 18.93 -0.47 -5.07
O4 7LE E . 16.40 -1.28 0.75
C20 7LE E . 17.54 -1.21 0.21
O3 7LE E . 18.32 -2.20 0.32
C19 7LE E . 17.97 0.01 -0.54
C18 7LE E . 18.93 -0.15 -1.69
C17 7LE E . 18.76 0.75 -2.86
C16 7LE E . 19.53 0.18 -4.03
C11 7LE E . 15.27 -2.53 -6.69
C10 7LE E . 15.17 -2.25 -8.17
C9 7LE E . 15.05 -3.22 -9.13
C8 7LE E . 15.04 -4.69 -8.78
C7 7LE E . 14.33 -5.55 -9.78
O2 7LE E . 14.44 -6.84 -9.32
C6 7LE E . 12.88 -5.17 -9.97
C5 7LE E . 12.17 -4.87 -8.68
C4 7LE E . 10.67 -4.97 -8.86
C3 7LE E . 9.84 -5.74 -8.08
C2 7LE E . 10.36 -6.50 -6.90
C1 7LE E . 9.52 -7.70 -6.60
C12 7LE F . 21.12 -15.73 10.56
C13 7LE F . 22.05 -14.83 11.02
C14 7LE F . 23.41 -14.72 10.43
C15 7LE F . 24.11 -13.57 11.08
O4 7LE F . 28.57 -10.58 8.66
C20 7LE F . 27.66 -10.92 7.85
O3 7LE F . 27.24 -10.11 6.99
C19 7LE F . 27.08 -12.30 7.94
C18 7LE F . 27.28 -13.04 9.22
C17 7LE F . 26.16 -13.90 9.69
C16 7LE F . 25.31 -13.08 10.59
C11 7LE F . 21.01 -17.17 10.98
C10 7LE F . 20.77 -17.27 12.46
C9 7LE F . 19.59 -16.94 13.06
C8 7LE F . 18.38 -16.49 12.31
C7 7LE F . 17.07 -16.96 12.90
O2 7LE F . 16.03 -16.35 12.20
C6 7LE F . 16.93 -18.45 12.80
C5 7LE F . 17.37 -18.99 11.46
C4 7LE F . 16.69 -20.31 11.21
C3 7LE F . 16.19 -20.70 9.99
C2 7LE F . 16.23 -19.80 8.81
C1 7LE F . 14.96 -19.86 8.02
C12 7LE G . -6.17 15.50 6.67
C13 7LE G . -5.78 16.72 6.21
C14 7LE G . -4.53 16.96 5.43
C15 7LE G . -4.14 18.39 5.66
O4 7LE G . -4.62 19.36 0.66
C20 7LE G . -3.77 18.55 1.10
O3 7LE G . -4.09 17.34 1.29
C19 7LE G . -2.38 19.00 1.40
C18 7LE G . -2.16 19.55 2.77
C17 7LE G . -2.37 18.62 3.90
C16 7LE G . -3.48 19.15 4.73
C11 7LE G . -5.26 14.38 7.07
C10 7LE G . -5.00 14.41 8.54
C9 7LE G . -5.94 14.12 9.51
C8 7LE G . -7.38 13.85 9.18
C7 7LE G . -8.10 13.00 10.19
O2 7LE G . -9.40 12.83 9.73
C6 7LE G . -7.45 11.65 10.38
C5 7LE G . -7.08 10.96 9.09
C4 7LE G . -6.99 9.48 9.33
C3 7LE G . -7.59 8.51 8.57
C2 7LE G . -8.05 8.76 7.16
C1 7LE G . -9.27 7.95 6.87
C12 7LE H . -21.86 18.05 -9.98
C13 7LE H . -21.16 19.18 -9.65
C14 7LE H . -19.67 19.16 -9.47
C15 7LE H . -19.00 19.57 -10.75
O4 7LE H . -19.77 23.20 -7.09
C20 7LE H . -18.58 22.95 -7.44
O3 7LE H . -17.83 22.28 -6.68
C19 7LE H . -18.07 23.46 -8.75
C18 7LE H . -18.14 22.51 -9.91
C17 7LE H . -17.41 21.22 -9.74
C16 7LE H . -17.81 20.23 -10.80
C11 7LE H . -21.17 16.82 -10.47
C10 7LE H . -21.00 16.84 -11.96
C9 7LE H . -20.36 15.82 -12.63
C8 7LE H . -19.62 14.74 -11.90
C7 7LE H . -19.83 13.37 -12.48
O2 7LE H . -19.03 12.46 -11.78
C6 7LE H . -21.25 12.91 -12.37
C5 7LE H . -21.85 13.22 -11.02
C4 7LE H . -23.05 12.35 -10.73
C3 7LE H . -23.38 11.88 -9.47
C2 7LE H . -22.54 12.10 -8.26
C1 7LE H . -22.22 10.80 -7.60
#